data_2CH8
#
_entry.id   2CH8
#
_cell.length_a   179.245
_cell.length_b   179.245
_cell.length_c   95.720
_cell.angle_alpha   90.00
_cell.angle_beta   90.00
_cell.angle_gamma   120.00
#
_symmetry.space_group_name_H-M   'H 3'
#
loop_
_entity.id
_entity.type
_entity.pdbx_description
1 polymer '33 KDA EARLY PROTEIN'
2 branched alpha-D-mannopyranose-(1-4)-2-acetamido-2-deoxy-beta-D-glucopyranose-(1-4)-2-acetamido-2-deoxy-beta-D-glucopyranose
3 non-polymer 'PLATINUM (II) ION'
4 water water
#
_entity_poly.entity_id   1
_entity_poly.type   'polypeptide(L)'
_entity_poly.pdbx_seq_one_letter_code
;VTAFLGERVTLTSYWRRVSLGPEIEVSWFKLGPGEEQVLIGRMHHDVIFIEWPFRGFFDIHRSANTFFLVVTAANISHDG
NYLCRMKLGETEVTKQEHLSVVKPLTLSVHSERSQFPDFSVLTVTCTVNAFPHPHVQWLMPEGVEPAPTAANGGVMKEKD
GSLSVAVDLSLPKPWHLPVTCVGKNDKEEAHGVYVSGYLSQ
;
_entity_poly.pdbx_strand_id   A,B,C,D
#
# COMPACT_ATOMS: atom_id res chain seq x y z
N VAL A 1 -31.13 -14.74 32.18
CA VAL A 1 -30.02 -13.77 32.17
C VAL A 1 -30.39 -12.55 31.26
N THR A 2 -29.76 -11.41 31.56
CA THR A 2 -29.93 -10.17 30.83
C THR A 2 -28.65 -9.85 30.08
N ALA A 3 -28.81 -9.47 28.82
CA ALA A 3 -27.73 -9.15 27.87
C ALA A 3 -28.16 -7.82 27.21
N PHE A 4 -27.22 -6.89 27.08
CA PHE A 4 -27.49 -5.72 26.24
C PHE A 4 -27.17 -6.06 24.79
N LEU A 5 -27.82 -5.33 23.88
CA LEU A 5 -27.69 -5.52 22.44
C LEU A 5 -26.20 -5.50 22.04
N GLY A 6 -25.75 -6.51 21.29
CA GLY A 6 -24.35 -6.61 20.89
C GLY A 6 -23.44 -7.40 21.84
N GLU A 7 -23.91 -7.70 23.06
CA GLU A 7 -23.04 -8.40 24.03
C GLU A 7 -22.96 -9.91 23.78
N ARG A 8 -21.80 -10.49 24.01
CA ARG A 8 -21.70 -11.95 24.28
C ARG A 8 -22.51 -12.30 25.55
N VAL A 9 -23.34 -13.31 25.39
CA VAL A 9 -24.18 -13.80 26.51
C VAL A 9 -24.09 -15.32 26.71
N THR A 10 -24.34 -15.78 27.93
CA THR A 10 -24.31 -17.22 28.22
C THR A 10 -25.56 -17.74 29.01
N LEU A 11 -26.24 -18.76 28.49
CA LEU A 11 -27.13 -19.58 29.34
C LEU A 11 -26.42 -20.85 29.76
N THR A 12 -26.71 -21.29 30.99
CA THR A 12 -26.09 -22.50 31.52
C THR A 12 -27.09 -23.53 32.04
N SER A 13 -26.63 -24.79 32.07
CA SER A 13 -27.41 -25.89 32.56
C SER A 13 -26.48 -27.04 32.97
N TYR A 14 -26.93 -27.89 33.89
CA TYR A 14 -26.20 -29.07 34.28
C TYR A 14 -27.25 -30.01 34.79
N TRP A 15 -26.88 -31.28 34.90
CA TRP A 15 -27.75 -32.29 35.44
C TRP A 15 -27.39 -32.53 36.93
N ARG A 16 -28.27 -32.17 37.89
CA ARG A 16 -28.41 -32.90 39.27
C ARG A 16 -27.47 -32.48 40.37
N ARG A 17 -26.32 -33.15 40.69
CA ARG A 17 -25.97 -34.57 41.01
C ARG A 17 -25.51 -35.63 40.01
N VAL A 18 -25.55 -35.36 38.71
CA VAL A 18 -25.12 -36.37 37.73
C VAL A 18 -23.84 -35.86 37.03
N SER A 19 -22.69 -36.42 37.46
CA SER A 19 -21.38 -35.95 37.01
C SER A 19 -20.86 -36.78 35.82
N LEU A 20 -21.54 -36.71 34.68
CA LEU A 20 -21.23 -37.61 33.58
C LEU A 20 -20.59 -36.91 32.37
N GLY A 21 -20.46 -35.57 32.45
CA GLY A 21 -19.85 -34.75 31.41
C GLY A 21 -20.12 -35.10 29.93
N PRO A 22 -19.11 -35.71 29.23
CA PRO A 22 -19.25 -35.96 27.76
C PRO A 22 -20.22 -37.08 27.38
N GLU A 23 -20.61 -37.93 28.33
CA GLU A 23 -21.58 -39.00 28.09
C GLU A 23 -23.01 -38.50 27.86
N ILE A 24 -23.28 -37.28 28.30
CA ILE A 24 -24.63 -36.72 28.24
C ILE A 24 -24.87 -36.11 26.88
N GLU A 25 -26.01 -36.47 26.25
CA GLU A 25 -26.48 -35.82 25.04
C GLU A 25 -27.24 -34.53 25.39
N VAL A 26 -26.70 -33.42 24.97
CA VAL A 26 -27.24 -32.11 25.22
C VAL A 26 -27.79 -31.58 23.90
N SER A 27 -29.01 -31.03 23.97
CA SER A 27 -29.52 -30.23 22.85
C SER A 27 -30.15 -28.93 23.37
N TRP A 28 -29.98 -27.85 22.61
CA TRP A 28 -30.49 -26.55 23.03
C TRP A 28 -31.51 -26.13 22.02
N PHE A 29 -32.64 -25.63 22.52
CA PHE A 29 -33.84 -25.26 21.68
C PHE A 29 -34.20 -23.82 22.01
N LYS A 30 -34.60 -23.07 20.98
CA LYS A 30 -35.15 -21.75 21.16
C LYS A 30 -36.63 -21.96 21.16
N LEU A 31 -37.31 -21.44 22.18
CA LEU A 31 -38.78 -21.50 22.27
C LEU A 31 -39.45 -20.32 21.50
N GLY A 32 -40.49 -20.64 20.75
CA GLY A 32 -41.03 -19.81 19.68
C GLY A 32 -42.47 -19.52 19.91
N PRO A 33 -43.10 -18.66 19.06
CA PRO A 33 -44.35 -18.03 19.38
C PRO A 33 -45.09 -18.53 20.67
N GLY A 34 -46.02 -19.49 20.64
CA GLY A 34 -46.15 -20.52 19.61
C GLY A 34 -46.32 -21.92 20.23
N GLU A 35 -45.44 -22.24 21.19
CA GLU A 35 -45.20 -23.59 21.78
C GLU A 35 -44.07 -24.35 21.08
N GLU A 36 -43.56 -23.76 20.02
CA GLU A 36 -42.66 -24.43 19.08
C GLU A 36 -41.24 -24.43 19.63
N GLN A 37 -40.54 -25.58 19.56
CA GLN A 37 -39.18 -25.73 19.98
C GLN A 37 -38.28 -25.86 18.75
N VAL A 38 -37.39 -24.90 18.54
CA VAL A 38 -36.54 -24.87 17.31
C VAL A 38 -35.12 -25.24 17.76
N LEU A 39 -34.54 -26.26 17.15
CA LEU A 39 -33.21 -26.75 17.51
C LEU A 39 -32.11 -25.79 17.16
N ILE A 40 -31.32 -25.37 18.15
CA ILE A 40 -30.12 -24.53 17.89
C ILE A 40 -28.90 -25.45 17.57
N GLY A 41 -28.71 -26.47 18.41
CA GLY A 41 -27.59 -27.37 18.29
C GLY A 41 -27.56 -28.50 19.31
N ARG A 42 -26.58 -29.38 19.10
CA ARG A 42 -26.38 -30.56 19.92
C ARG A 42 -24.92 -30.77 20.23
N MET A 43 -24.68 -31.39 21.37
CA MET A 43 -23.37 -31.77 21.85
C MET A 43 -23.46 -33.18 22.45
N HIS A 44 -22.51 -34.03 22.07
CA HIS A 44 -22.38 -35.36 22.68
C HIS A 44 -21.00 -35.89 22.38
N HIS A 45 -20.30 -36.38 23.42
CA HIS A 45 -18.95 -36.96 23.28
C HIS A 45 -18.02 -35.89 22.69
N ASP A 46 -18.25 -34.64 23.08
CA ASP A 46 -17.48 -33.47 22.64
C ASP A 46 -17.46 -33.15 21.13
N VAL A 47 -18.53 -33.59 20.46
CA VAL A 47 -18.87 -33.25 19.11
C VAL A 47 -20.08 -32.36 19.18
N ILE A 48 -19.91 -31.16 18.64
CA ILE A 48 -20.88 -30.14 18.76
C ILE A 48 -21.30 -29.88 17.30
N PHE A 49 -22.59 -29.92 17.03
CA PHE A 49 -23.11 -29.47 15.74
C PHE A 49 -24.15 -28.40 16.02
N ILE A 50 -23.91 -27.22 15.46
CA ILE A 50 -24.90 -26.07 15.44
C ILE A 50 -25.67 -25.99 14.15
N GLU A 51 -27.01 -26.07 14.23
CA GLU A 51 -27.80 -25.93 13.01
C GLU A 51 -27.49 -24.67 12.18
N TRP A 52 -27.52 -24.84 10.84
CA TRP A 52 -27.12 -23.79 9.89
C TRP A 52 -27.72 -22.42 10.13
N PRO A 53 -29.06 -22.33 10.34
CA PRO A 53 -29.63 -21.01 10.67
C PRO A 53 -29.09 -20.28 11.92
N PHE A 54 -28.40 -21.01 12.81
CA PHE A 54 -27.92 -20.45 14.10
C PHE A 54 -26.41 -20.34 14.09
N ARG A 55 -25.77 -20.93 13.11
CA ARG A 55 -24.33 -20.87 13.02
C ARG A 55 -23.76 -19.47 13.06
N GLY A 56 -22.83 -19.22 13.96
CA GLY A 56 -22.19 -17.90 14.01
C GLY A 56 -22.88 -17.04 15.06
N PHE A 57 -24.16 -17.29 15.29
CA PHE A 57 -25.00 -16.53 16.22
C PHE A 57 -24.99 -17.23 17.60
N PHE A 58 -24.85 -18.56 17.63
CA PHE A 58 -24.86 -19.29 18.92
C PHE A 58 -23.80 -20.36 18.88
N ASP A 59 -23.20 -20.68 20.02
CA ASP A 59 -22.34 -21.82 20.10
C ASP A 59 -22.69 -22.67 21.35
N ILE A 60 -22.23 -23.91 21.39
CA ILE A 60 -22.43 -24.77 22.56
C ILE A 60 -21.08 -25.31 22.99
N HIS A 61 -20.82 -25.34 24.30
CA HIS A 61 -19.64 -26.03 24.82
C HIS A 61 -19.90 -26.58 26.23
N ARG A 62 -18.95 -27.35 26.76
CA ARG A 62 -19.11 -28.02 28.05
C ARG A 62 -17.92 -27.55 28.89
N SER A 63 -18.11 -27.37 30.20
CA SER A 63 -16.93 -27.38 31.09
C SER A 63 -17.30 -28.39 32.11
N ALA A 64 -16.58 -29.50 32.07
CA ALA A 64 -16.87 -30.64 32.91
C ALA A 64 -18.37 -31.07 32.88
N ASN A 65 -19.14 -30.73 33.91
CA ASN A 65 -20.58 -31.13 33.90
C ASN A 65 -21.57 -29.98 33.62
N THR A 66 -21.05 -28.79 33.32
CA THR A 66 -21.87 -27.65 32.99
C THR A 66 -21.89 -27.47 31.44
N PHE A 67 -23.07 -27.20 30.88
CA PHE A 67 -23.33 -27.00 29.45
C PHE A 67 -23.71 -25.55 29.19
N PHE A 68 -23.10 -24.96 28.15
CA PHE A 68 -23.22 -23.55 27.88
C PHE A 68 -23.78 -23.34 26.51
N LEU A 69 -24.76 -22.46 26.41
CA LEU A 69 -25.18 -21.91 25.12
C LEU A 69 -24.67 -20.45 25.14
N VAL A 70 -23.80 -20.16 24.18
CA VAL A 70 -23.17 -18.89 24.02
C VAL A 70 -23.85 -18.16 22.90
N VAL A 71 -24.37 -16.97 23.18
CA VAL A 71 -24.85 -16.12 22.06
C VAL A 71 -23.75 -15.10 21.74
N THR A 72 -23.30 -15.07 20.50
CA THR A 72 -22.05 -14.37 20.22
C THR A 72 -22.19 -12.86 20.19
N ALA A 73 -23.37 -12.36 19.79
CA ALA A 73 -23.72 -10.92 19.85
C ALA A 73 -25.22 -10.79 20.01
N ALA A 74 -25.70 -10.56 21.25
CA ALA A 74 -27.14 -10.54 21.52
C ALA A 74 -27.96 -9.56 20.61
N ASN A 75 -28.95 -10.09 19.90
CA ASN A 75 -29.88 -9.28 19.13
C ASN A 75 -31.31 -9.43 19.70
N ILE A 76 -32.20 -8.56 19.30
CA ILE A 76 -33.50 -8.50 19.91
C ILE A 76 -34.34 -9.76 19.60
N SER A 77 -34.10 -10.45 18.47
CA SER A 77 -34.76 -11.70 18.21
C SER A 77 -34.39 -12.80 19.25
N HIS A 78 -33.25 -12.63 19.94
CA HIS A 78 -32.74 -13.61 20.93
C HIS A 78 -33.45 -13.53 22.28
N ASP A 79 -34.23 -12.48 22.46
CA ASP A 79 -35.00 -12.27 23.66
C ASP A 79 -36.07 -13.35 23.72
N GLY A 80 -36.11 -14.14 24.80
CA GLY A 80 -37.20 -15.09 24.99
C GLY A 80 -36.68 -16.30 25.72
N ASN A 81 -37.41 -17.40 25.65
CA ASN A 81 -37.06 -18.62 26.40
C ASN A 81 -36.30 -19.68 25.56
N TYR A 82 -35.45 -20.42 26.27
CA TYR A 82 -34.55 -21.45 25.72
C TYR A 82 -34.67 -22.74 26.54
N LEU A 83 -34.37 -23.85 25.92
CA LEU A 83 -34.54 -25.13 26.58
C LEU A 83 -33.22 -25.93 26.40
N CYS A 84 -32.71 -26.46 27.49
CA CYS A 84 -31.64 -27.37 27.44
C CYS A 84 -32.16 -28.75 27.84
N ARG A 85 -32.07 -29.67 26.89
CA ARG A 85 -32.50 -31.03 27.06
C ARG A 85 -31.22 -31.87 27.25
N MET A 86 -31.14 -32.62 28.37
CA MET A 86 -29.94 -33.43 28.69
C MET A 86 -30.39 -34.88 28.71
N LYS A 87 -29.69 -35.74 27.98
CA LYS A 87 -30.13 -37.15 27.86
C LYS A 87 -29.03 -38.16 28.17
N LEU A 88 -29.42 -39.21 28.87
CA LEU A 88 -28.56 -40.25 29.21
C LEU A 88 -29.35 -41.53 29.04
N GLY A 89 -29.06 -42.26 27.98
CA GLY A 89 -29.72 -43.55 27.80
C GLY A 89 -31.16 -43.21 27.41
N GLU A 90 -32.15 -43.81 28.05
CA GLU A 90 -33.53 -43.39 27.86
C GLU A 90 -34.05 -42.22 28.76
N THR A 91 -33.26 -41.70 29.67
CA THR A 91 -33.80 -40.65 30.52
C THR A 91 -33.26 -39.28 30.18
N GLU A 92 -34.16 -38.32 30.32
CA GLU A 92 -33.94 -36.93 29.96
C GLU A 92 -34.29 -36.09 31.14
N VAL A 93 -33.59 -34.97 31.26
CA VAL A 93 -34.05 -33.82 32.02
C VAL A 93 -33.96 -32.55 31.15
N THR A 94 -34.86 -31.62 31.40
CA THR A 94 -34.98 -30.38 30.58
C THR A 94 -34.86 -29.17 31.52
N LYS A 95 -34.07 -28.18 31.11
CA LYS A 95 -33.97 -26.96 31.85
C LYS A 95 -34.33 -25.79 30.91
N GLN A 96 -35.17 -24.93 31.42
CA GLN A 96 -35.66 -23.75 30.77
C GLN A 96 -34.92 -22.58 31.39
N GLU A 97 -34.29 -21.82 30.50
CA GLU A 97 -33.61 -20.58 30.78
C GLU A 97 -34.23 -19.41 29.93
N HIS A 98 -34.31 -18.20 30.51
CA HIS A 98 -34.78 -17.00 29.85
C HIS A 98 -33.56 -16.09 29.47
N LEU A 99 -33.59 -15.53 28.28
CA LEU A 99 -32.64 -14.46 27.97
C LEU A 99 -33.42 -13.14 27.81
N SER A 100 -33.20 -12.12 28.65
CA SER A 100 -33.70 -10.75 28.35
C SER A 100 -32.66 -9.93 27.58
N VAL A 101 -32.99 -9.52 26.36
CA VAL A 101 -32.14 -8.60 25.53
C VAL A 101 -32.74 -7.20 25.72
N VAL A 102 -31.84 -6.28 26.01
CA VAL A 102 -32.20 -4.91 26.29
C VAL A 102 -31.31 -4.06 25.37
N LYS A 103 -31.92 -3.11 24.70
CA LYS A 103 -31.21 -2.02 24.05
C LYS A 103 -31.30 -0.85 24.99
N PRO A 104 -30.16 -0.34 25.46
CA PRO A 104 -30.19 0.87 26.31
C PRO A 104 -30.80 2.08 25.57
N LEU A 105 -31.61 2.88 26.25
CA LEU A 105 -32.36 3.94 25.61
C LEU A 105 -31.42 4.98 25.05
N THR A 106 -31.82 5.58 23.91
CA THR A 106 -31.24 6.82 23.42
C THR A 106 -32.32 7.92 23.57
N LEU A 107 -32.00 8.98 24.31
CA LEU A 107 -32.91 10.13 24.38
C LEU A 107 -32.31 11.23 23.54
N SER A 108 -33.10 11.73 22.57
CA SER A 108 -32.81 12.98 21.79
C SER A 108 -33.79 14.14 22.00
N VAL A 109 -33.25 15.36 22.17
CA VAL A 109 -34.00 16.63 22.11
C VAL A 109 -33.52 17.54 20.99
N HIS A 110 -34.49 18.18 20.33
CA HIS A 110 -34.27 19.18 19.29
C HIS A 110 -35.52 20.07 19.24
N SER A 111 -35.35 21.31 18.85
CA SER A 111 -36.48 22.22 18.62
C SER A 111 -36.46 22.75 17.20
N GLU A 112 -37.64 23.10 16.71
CA GLU A 112 -37.81 23.75 15.45
C GLU A 112 -38.77 24.95 15.70
N ARG A 113 -38.55 26.10 15.05
CA ARG A 113 -39.51 27.23 15.13
C ARG A 113 -40.44 27.22 13.94
N SER A 114 -41.59 27.85 14.16
CA SER A 114 -42.63 27.93 13.15
C SER A 114 -42.15 28.89 12.02
N GLN A 115 -42.72 28.74 10.82
CA GLN A 115 -42.34 29.50 9.61
C GLN A 115 -43.50 30.32 9.08
N PHE A 116 -44.71 29.97 9.51
CA PHE A 116 -45.88 30.77 9.17
C PHE A 116 -46.95 30.57 10.27
N PRO A 117 -47.77 31.59 10.59
CA PRO A 117 -47.73 32.99 10.15
C PRO A 117 -46.50 33.76 10.60
N ASP A 118 -45.78 33.26 11.57
CA ASP A 118 -44.58 33.93 12.01
C ASP A 118 -43.58 32.93 12.59
N PHE A 119 -42.59 33.40 13.34
CA PHE A 119 -41.42 32.59 13.77
C PHE A 119 -41.39 32.42 15.29
N SER A 120 -42.55 32.70 15.91
CA SER A 120 -42.71 32.84 17.35
C SER A 120 -43.03 31.51 18.07
N VAL A 121 -43.50 30.50 17.35
CA VAL A 121 -43.83 29.20 18.00
C VAL A 121 -42.65 28.19 17.96
N LEU A 122 -42.19 27.77 19.14
CA LEU A 122 -41.12 26.79 19.25
C LEU A 122 -41.79 25.44 19.42
N THR A 123 -41.49 24.48 18.56
CA THR A 123 -41.87 23.15 18.90
C THR A 123 -40.60 22.36 19.29
N VAL A 124 -40.63 21.69 20.45
CA VAL A 124 -39.50 20.94 20.99
C VAL A 124 -39.87 19.47 20.85
N THR A 125 -38.98 18.64 20.25
CA THR A 125 -39.27 17.21 19.99
C THR A 125 -38.34 16.36 20.84
N CYS A 126 -38.94 15.36 21.51
CA CYS A 126 -38.18 14.47 22.34
C CYS A 126 -38.42 13.06 21.90
N THR A 127 -37.34 12.33 21.64
CA THR A 127 -37.44 11.01 21.00
C THR A 127 -36.67 10.09 21.91
N VAL A 128 -37.32 8.96 22.25
CA VAL A 128 -36.66 7.82 22.96
C VAL A 128 -36.68 6.54 22.09
N ASN A 129 -35.48 6.02 21.79
CA ASN A 129 -35.35 4.70 21.20
C ASN A 129 -34.81 3.73 22.28
N ALA A 130 -35.43 2.56 22.41
CA ALA A 130 -34.94 1.52 23.35
C ALA A 130 -35.62 0.19 23.09
N PHE A 131 -35.20 -0.84 23.81
CA PHE A 131 -35.90 -2.10 23.88
C PHE A 131 -35.74 -2.61 25.29
N PRO A 132 -36.82 -3.16 25.88
CA PRO A 132 -38.15 -3.43 25.33
C PRO A 132 -39.19 -2.29 25.41
N HIS A 133 -39.02 -1.38 26.37
CA HIS A 133 -40.11 -0.48 26.72
C HIS A 133 -39.82 1.05 26.65
N PRO A 134 -39.49 1.62 25.46
CA PRO A 134 -39.28 3.10 25.49
C PRO A 134 -40.58 3.84 25.91
N HIS A 135 -40.44 4.94 26.62
CA HIS A 135 -41.55 5.77 27.03
C HIS A 135 -41.05 7.22 27.14
N VAL A 136 -41.83 8.21 26.65
CA VAL A 136 -41.44 9.63 26.77
C VAL A 136 -42.55 10.50 27.28
N GLN A 137 -42.17 11.55 27.97
CA GLN A 137 -43.12 12.45 28.59
C GLN A 137 -42.47 13.82 28.78
N TRP A 138 -43.15 14.88 28.33
CA TRP A 138 -42.74 16.28 28.57
C TRP A 138 -43.18 16.83 29.94
N LEU A 139 -42.26 17.52 30.64
CA LEU A 139 -42.65 18.35 31.79
C LEU A 139 -42.37 19.90 31.65
N MET A 140 -43.34 20.71 32.05
CA MET A 140 -43.21 22.18 32.05
C MET A 140 -42.61 22.68 33.41
N PRO A 141 -41.83 23.80 33.41
CA PRO A 141 -41.18 24.20 34.67
C PRO A 141 -42.18 24.54 35.81
N GLY A 153 -49.67 9.22 17.86
CA GLY A 153 -48.23 9.04 17.98
C GLY A 153 -47.96 7.56 18.21
N GLY A 154 -47.33 6.91 17.24
CA GLY A 154 -47.18 5.46 17.30
C GLY A 154 -45.86 5.05 17.91
N VAL A 155 -45.66 3.75 18.07
CA VAL A 155 -44.34 3.22 18.31
C VAL A 155 -43.83 2.88 16.88
N MET A 156 -42.62 3.32 16.51
CA MET A 156 -42.02 2.94 15.22
C MET A 156 -41.18 1.71 15.59
N LYS A 157 -41.18 0.68 14.75
CA LYS A 157 -40.26 -0.48 14.92
C LYS A 157 -39.09 -0.28 13.97
N GLU A 158 -37.92 -0.02 14.55
CA GLU A 158 -36.63 0.10 13.83
C GLU A 158 -36.15 -1.17 13.18
N LYS A 159 -35.19 -1.07 12.26
CA LYS A 159 -34.61 -2.25 11.60
C LYS A 159 -34.05 -3.27 12.58
N ASP A 160 -33.54 -2.81 13.72
CA ASP A 160 -32.87 -3.71 14.66
C ASP A 160 -33.83 -4.37 15.66
N GLY A 161 -35.13 -4.06 15.61
CA GLY A 161 -36.12 -4.68 16.47
C GLY A 161 -36.46 -3.79 17.63
N SER A 162 -35.76 -2.67 17.76
CA SER A 162 -35.97 -1.76 18.91
C SER A 162 -37.13 -0.87 18.52
N LEU A 163 -37.54 -0.06 19.48
CA LEU A 163 -38.78 0.68 19.35
C LEU A 163 -38.52 2.13 19.61
N SER A 164 -39.12 2.98 18.79
CA SER A 164 -38.99 4.44 18.96
C SER A 164 -40.33 5.18 19.18
N VAL A 165 -40.23 6.23 19.97
CA VAL A 165 -41.37 6.92 20.53
C VAL A 165 -40.94 8.42 20.55
N ALA A 166 -41.82 9.32 20.14
CA ALA A 166 -41.50 10.76 20.01
C ALA A 166 -42.70 11.59 20.45
N VAL A 167 -42.43 12.67 21.20
CA VAL A 167 -43.45 13.62 21.62
C VAL A 167 -43.02 15.09 21.28
N ASP A 168 -43.99 15.89 20.80
CA ASP A 168 -43.78 17.29 20.38
C ASP A 168 -44.45 18.15 21.40
N LEU A 169 -43.80 19.24 21.76
CA LEU A 169 -44.42 20.23 22.57
C LEU A 169 -44.25 21.62 21.90
N SER A 170 -45.36 22.30 21.62
CA SER A 170 -45.34 23.67 21.05
C SER A 170 -45.46 24.68 22.14
N LEU A 171 -44.62 25.71 22.05
CA LEU A 171 -44.54 26.79 23.02
C LEU A 171 -44.73 28.14 22.31
N PRO A 172 -45.89 28.81 22.52
CA PRO A 172 -45.96 30.17 21.97
C PRO A 172 -45.20 31.11 22.89
N LYS A 173 -44.80 32.27 22.37
CA LYS A 173 -44.19 33.34 23.22
C LYS A 173 -45.11 33.73 24.38
N PRO A 174 -44.54 34.01 25.58
CA PRO A 174 -43.13 33.90 25.94
C PRO A 174 -42.83 32.43 26.25
N TRP A 175 -41.76 31.87 25.67
CA TRP A 175 -41.51 30.43 25.74
C TRP A 175 -41.37 29.92 27.18
N HIS A 176 -42.18 28.92 27.50
CA HIS A 176 -42.25 28.43 28.86
C HIS A 176 -41.02 27.59 29.19
N LEU A 177 -39.85 28.20 29.02
CA LEU A 177 -38.57 27.49 29.08
C LEU A 177 -38.16 27.32 30.55
N PRO A 178 -37.07 26.57 30.78
CA PRO A 178 -36.83 25.22 31.13
C PRO A 178 -38.00 24.25 30.82
N VAL A 179 -37.92 23.50 29.72
CA VAL A 179 -38.80 22.34 29.58
C VAL A 179 -37.99 21.05 29.69
N THR A 180 -38.49 20.08 30.43
CA THR A 180 -37.76 18.83 30.59
C THR A 180 -38.52 17.61 30.10
N CYS A 181 -37.86 16.90 29.21
CA CYS A 181 -38.25 15.63 28.63
C CYS A 181 -37.84 14.44 29.57
N VAL A 182 -38.76 13.57 29.95
CA VAL A 182 -38.40 12.37 30.73
C VAL A 182 -38.45 11.08 29.87
N GLY A 183 -37.32 10.40 29.70
CA GLY A 183 -37.28 9.12 28.94
C GLY A 183 -37.06 7.90 29.82
N LYS A 184 -37.79 6.81 29.55
CA LYS A 184 -37.65 5.58 30.34
C LYS A 184 -37.61 4.32 29.47
N ASN A 185 -37.06 3.26 30.06
CA ASN A 185 -37.03 1.89 29.51
C ASN A 185 -36.97 0.97 30.72
N ASP A 186 -38.14 0.62 31.22
CA ASP A 186 -38.27 -0.01 32.54
C ASP A 186 -37.63 0.86 33.66
N LYS A 187 -36.61 0.35 34.38
CA LYS A 187 -35.92 1.15 35.40
C LYS A 187 -34.96 2.17 34.83
N GLU A 188 -34.56 2.00 33.57
CA GLU A 188 -33.68 2.97 32.95
C GLU A 188 -34.32 4.38 32.82
N GLU A 189 -33.58 5.42 33.16
CA GLU A 189 -34.10 6.77 33.05
C GLU A 189 -33.08 7.79 32.60
N ALA A 190 -33.54 8.64 31.66
CA ALA A 190 -32.80 9.82 31.23
C ALA A 190 -33.69 11.09 31.02
N HIS A 191 -33.12 12.29 31.12
CA HIS A 191 -33.89 13.52 30.81
C HIS A 191 -33.17 14.31 29.75
N GLY A 192 -33.92 15.13 29.04
CA GLY A 192 -33.34 16.11 28.16
C GLY A 192 -34.10 17.39 28.44
N VAL A 193 -33.33 18.47 28.63
CA VAL A 193 -33.86 19.76 29.03
C VAL A 193 -33.48 20.71 27.92
N TYR A 194 -34.51 21.34 27.33
CA TYR A 194 -34.31 22.49 26.46
C TYR A 194 -34.24 23.76 27.31
N VAL A 195 -33.09 24.43 27.27
CA VAL A 195 -32.80 25.53 28.17
C VAL A 195 -33.05 26.90 27.49
N SER A 196 -32.49 27.12 26.29
CA SER A 196 -32.59 28.39 25.61
C SER A 196 -32.52 28.15 24.13
N GLY A 197 -33.26 28.93 23.36
CA GLY A 197 -33.19 28.92 21.89
C GLY A 197 -31.93 29.62 21.38
N TYR A 198 -31.66 29.50 20.10
CA TYR A 198 -30.57 30.22 19.49
C TYR A 198 -30.73 31.77 19.43
N LEU A 199 -31.98 32.22 19.37
CA LEU A 199 -32.37 33.60 19.01
C LEU A 199 -31.67 34.22 17.80
N VAL B 1 17.41 -12.05 -43.78
CA VAL B 1 18.91 -11.98 -43.56
C VAL B 1 19.37 -11.93 -42.08
N THR B 2 20.60 -12.35 -41.80
CA THR B 2 21.16 -12.37 -40.46
C THR B 2 22.28 -11.35 -40.32
N ALA B 3 22.17 -10.52 -39.27
CA ALA B 3 23.24 -9.57 -38.86
C ALA B 3 23.58 -9.76 -37.38
N PHE B 4 24.85 -9.67 -37.04
CA PHE B 4 25.23 -9.62 -35.63
C PHE B 4 25.14 -8.16 -35.14
N LEU B 5 24.95 -8.00 -33.83
CA LEU B 5 24.81 -6.69 -33.15
C LEU B 5 25.97 -5.78 -33.57
N GLY B 6 25.65 -4.54 -33.95
CA GLY B 6 26.62 -3.60 -34.45
C GLY B 6 27.03 -3.71 -35.93
N GLU B 7 26.59 -4.76 -36.66
CA GLU B 7 26.97 -4.88 -38.07
C GLU B 7 26.06 -4.12 -39.04
N ARG B 8 26.66 -3.59 -40.07
CA ARG B 8 25.88 -2.98 -41.12
C ARG B 8 25.11 -4.14 -41.77
N VAL B 9 23.84 -3.92 -42.07
CA VAL B 9 23.14 -4.92 -42.82
C VAL B 9 22.23 -4.38 -43.91
N THR B 10 21.86 -5.24 -44.86
CA THR B 10 21.09 -4.84 -46.03
C THR B 10 19.91 -5.79 -46.29
N LEU B 11 18.75 -5.22 -46.52
CA LEU B 11 17.61 -5.98 -47.10
C LEU B 11 17.29 -5.44 -48.50
N THR B 12 16.75 -6.27 -49.37
CA THR B 12 16.53 -5.77 -50.72
C THR B 12 15.17 -6.23 -51.22
N SER B 13 14.66 -5.44 -52.17
CA SER B 13 13.52 -5.77 -52.97
C SER B 13 13.81 -5.35 -54.42
N TYR B 14 12.97 -5.77 -55.35
CA TYR B 14 13.14 -5.34 -56.75
C TYR B 14 11.86 -5.19 -57.55
N TRP B 15 11.93 -4.34 -58.58
CA TRP B 15 10.93 -4.30 -59.64
C TRP B 15 11.30 -5.26 -60.79
N ARG B 16 10.44 -6.21 -61.14
CA ARG B 16 9.26 -6.63 -60.45
C ARG B 16 8.68 -7.76 -61.32
N ARG B 17 9.23 -7.98 -62.54
CA ARG B 17 10.59 -7.66 -62.99
C ARG B 17 10.67 -6.69 -64.18
N VAL B 18 10.43 -5.39 -64.00
CA VAL B 18 10.69 -4.50 -65.14
C VAL B 18 11.71 -3.43 -64.80
N SER B 19 12.81 -3.38 -65.56
CA SER B 19 13.80 -2.27 -65.52
C SER B 19 13.41 -0.76 -65.73
N LEU B 20 12.39 -0.37 -64.95
CA LEU B 20 11.88 1.00 -64.79
C LEU B 20 12.54 1.86 -63.70
N GLY B 21 13.40 1.22 -62.89
CA GLY B 21 14.14 1.87 -61.81
C GLY B 21 13.62 3.07 -61.01
N PRO B 22 14.06 4.31 -61.38
CA PRO B 22 13.77 5.53 -60.58
C PRO B 22 12.33 5.97 -60.61
N GLU B 23 11.58 5.39 -61.56
CA GLU B 23 10.13 5.62 -61.74
C GLU B 23 9.32 5.01 -60.62
N ILE B 24 9.86 4.01 -59.94
CA ILE B 24 9.13 3.37 -58.87
C ILE B 24 9.15 4.22 -57.56
N GLU B 25 7.97 4.41 -56.97
CA GLU B 25 7.82 4.97 -55.60
C GLU B 25 7.98 3.79 -54.65
N VAL B 26 8.97 3.91 -53.77
CA VAL B 26 9.36 2.86 -52.82
C VAL B 26 9.22 3.48 -51.44
N SER B 27 8.64 2.75 -50.51
CA SER B 27 8.48 3.10 -49.09
C SER B 27 8.87 1.85 -48.36
N TRP B 28 9.65 1.98 -47.30
CA TRP B 28 10.06 0.83 -46.52
C TRP B 28 9.42 1.06 -45.15
N PHE B 29 8.80 0.02 -44.62
CA PHE B 29 8.17 0.05 -43.30
C PHE B 29 8.81 -1.02 -42.40
N LYS B 30 8.87 -0.72 -41.11
CA LYS B 30 9.22 -1.71 -40.10
C LYS B 30 7.89 -2.28 -39.56
N LEU B 31 7.79 -3.61 -39.53
CA LEU B 31 6.62 -4.25 -38.97
C LEU B 31 6.73 -4.50 -37.46
N GLY B 32 5.72 -4.05 -36.74
CA GLY B 32 5.61 -4.32 -35.34
C GLY B 32 4.52 -5.34 -35.12
N PRO B 33 3.96 -5.37 -33.90
CA PRO B 33 2.72 -6.14 -33.55
C PRO B 33 1.52 -5.43 -34.13
N GLY B 34 0.54 -6.33 -34.38
CA GLY B 34 0.53 -7.31 -35.43
C GLY B 34 0.57 -6.69 -36.80
N GLU B 35 1.71 -6.65 -37.30
CA GLU B 35 2.01 -6.15 -38.67
C GLU B 35 1.73 -4.65 -38.84
N GLU B 36 1.64 -3.94 -37.71
CA GLU B 36 1.53 -2.49 -37.74
C GLU B 36 2.71 -1.95 -38.51
N GLN B 37 2.40 -1.03 -39.42
CA GLN B 37 3.39 -0.53 -40.35
C GLN B 37 3.94 0.81 -39.89
N VAL B 38 5.24 0.90 -39.61
CA VAL B 38 5.91 2.16 -39.21
C VAL B 38 6.88 2.56 -40.34
N LEU B 39 6.64 3.75 -40.91
CA LEU B 39 7.38 4.27 -42.08
C LEU B 39 8.81 4.61 -41.74
N ILE B 40 9.75 3.94 -42.40
CA ILE B 40 11.18 4.29 -42.24
C ILE B 40 11.62 5.44 -43.19
N GLY B 41 11.32 5.28 -44.48
CA GLY B 41 11.41 6.34 -45.43
C GLY B 41 10.89 5.99 -46.83
N ARG B 42 11.12 6.92 -47.75
CA ARG B 42 10.54 6.85 -49.07
C ARG B 42 11.63 7.17 -50.08
N MET B 43 11.50 6.64 -51.29
CA MET B 43 12.40 6.98 -52.40
C MET B 43 11.60 7.10 -53.72
N HIS B 44 11.87 8.16 -54.48
CA HIS B 44 11.29 8.36 -55.84
C HIS B 44 12.19 9.28 -56.61
N HIS B 45 12.41 8.96 -57.89
CA HIS B 45 13.34 9.66 -58.79
C HIS B 45 14.67 9.98 -58.11
N ASP B 46 15.16 9.04 -57.31
CA ASP B 46 16.45 9.15 -56.64
C ASP B 46 16.54 10.27 -55.60
N VAL B 47 15.38 10.66 -55.10
CA VAL B 47 15.29 11.41 -53.88
C VAL B 47 14.83 10.52 -52.71
N ILE B 48 15.62 10.51 -51.66
CA ILE B 48 15.39 9.70 -50.51
C ILE B 48 15.12 10.62 -49.31
N PHE B 49 14.12 10.23 -48.51
CA PHE B 49 13.80 10.85 -47.27
C PHE B 49 13.54 9.79 -46.20
N ILE B 50 14.37 9.85 -45.15
CA ILE B 50 14.29 9.02 -43.98
C ILE B 50 13.59 9.77 -42.86
N GLU B 51 12.53 9.17 -42.32
CA GLU B 51 11.78 9.73 -41.21
C GLU B 51 12.69 9.95 -40.03
N TRP B 52 12.49 11.05 -39.31
CA TRP B 52 13.40 11.39 -38.21
C TRP B 52 13.64 10.35 -37.11
N PRO B 53 12.63 9.56 -36.68
CA PRO B 53 13.01 8.52 -35.72
C PRO B 53 13.99 7.45 -36.24
N PHE B 54 14.17 7.30 -37.56
CA PHE B 54 15.05 6.27 -38.10
C PHE B 54 16.35 6.86 -38.66
N ARG B 55 16.45 8.18 -38.65
CA ARG B 55 17.60 8.88 -39.19
C ARG B 55 18.90 8.45 -38.51
N GLY B 56 19.92 8.12 -39.31
CA GLY B 56 21.16 7.64 -38.72
C GLY B 56 21.13 6.13 -38.47
N PHE B 57 19.96 5.49 -38.50
CA PHE B 57 19.80 4.03 -38.24
C PHE B 57 19.56 3.16 -39.51
N PHE B 58 18.94 3.79 -40.52
CA PHE B 58 18.48 3.13 -41.73
C PHE B 58 18.72 4.11 -42.81
N ASP B 59 19.23 3.62 -43.95
CA ASP B 59 19.22 4.39 -45.19
C ASP B 59 18.51 3.59 -46.31
N ILE B 60 18.17 4.26 -47.40
CA ILE B 60 17.54 3.62 -48.55
C ILE B 60 18.29 4.01 -49.80
N HIS B 61 18.44 3.06 -50.75
CA HIS B 61 19.08 3.35 -52.04
C HIS B 61 18.68 2.42 -53.18
N ARG B 62 19.12 2.74 -54.41
CA ARG B 62 18.79 1.99 -55.63
C ARG B 62 20.05 1.69 -56.43
N SER B 63 20.14 0.49 -57.01
CA SER B 63 20.89 0.24 -58.23
C SER B 63 19.88 -0.35 -59.18
N ALA B 64 19.76 0.29 -60.32
CA ALA B 64 18.92 -0.17 -61.43
C ALA B 64 17.51 -0.43 -60.85
N ASN B 65 17.03 -1.67 -60.91
CA ASN B 65 15.65 -2.00 -60.51
C ASN B 65 15.57 -2.68 -59.14
N THR B 66 16.69 -2.68 -58.41
CA THR B 66 16.77 -3.24 -57.08
C THR B 66 16.84 -2.13 -55.99
N PHE B 67 16.01 -2.26 -54.96
CA PHE B 67 15.90 -1.24 -53.88
C PHE B 67 16.48 -1.78 -52.57
N PHE B 68 17.30 -0.99 -51.89
CA PHE B 68 17.96 -1.50 -50.65
C PHE B 68 17.49 -0.78 -49.40
N LEU B 69 17.36 -1.51 -48.30
CA LEU B 69 17.25 -0.89 -46.99
C LEU B 69 18.55 -1.26 -46.23
N VAL B 70 19.40 -0.26 -45.96
CA VAL B 70 20.56 -0.51 -45.12
C VAL B 70 20.37 -0.12 -43.65
N VAL B 71 20.69 -1.06 -42.75
CA VAL B 71 20.74 -0.80 -41.28
C VAL B 71 22.20 -0.47 -40.97
N THR B 72 22.46 0.75 -40.49
CA THR B 72 23.86 1.17 -40.28
C THR B 72 24.65 0.37 -39.18
N ALA B 73 23.94 -0.11 -38.14
CA ALA B 73 24.50 -0.84 -36.99
C ALA B 73 23.39 -1.61 -36.31
N ALA B 74 23.18 -2.87 -36.68
CA ALA B 74 22.05 -3.63 -36.17
C ALA B 74 22.06 -3.63 -34.62
N ASN B 75 20.90 -3.32 -34.02
CA ASN B 75 20.61 -3.46 -32.61
C ASN B 75 19.35 -4.32 -32.51
N ILE B 76 19.03 -4.80 -31.31
CA ILE B 76 18.08 -5.92 -31.17
C ILE B 76 16.66 -5.49 -31.54
N SER B 77 16.35 -4.19 -31.45
CA SER B 77 15.01 -3.72 -31.79
C SER B 77 14.76 -3.82 -33.31
N HIS B 78 15.86 -3.96 -34.06
CA HIS B 78 15.80 -4.12 -35.51
C HIS B 78 15.47 -5.54 -36.00
N ASP B 79 15.43 -6.51 -35.06
CA ASP B 79 15.10 -7.90 -35.35
C ASP B 79 13.60 -7.95 -35.70
N GLY B 80 13.18 -8.68 -36.73
CA GLY B 80 11.77 -8.67 -37.14
C GLY B 80 11.61 -8.40 -38.64
N ASN B 81 10.39 -8.10 -39.04
CA ASN B 81 10.03 -8.08 -40.46
C ASN B 81 9.88 -6.62 -40.92
N TYR B 82 10.09 -6.43 -42.20
CA TYR B 82 10.07 -5.12 -42.88
C TYR B 82 9.27 -5.26 -44.16
N LEU B 83 8.78 -4.15 -44.67
CA LEU B 83 7.84 -4.27 -45.79
C LEU B 83 8.30 -3.29 -46.81
N CYS B 84 8.56 -3.74 -48.03
CA CYS B 84 8.94 -2.80 -49.07
C CYS B 84 7.72 -2.56 -49.99
N ARG B 85 7.10 -1.38 -49.96
CA ARG B 85 6.01 -1.10 -50.93
C ARG B 85 6.52 -0.35 -52.17
N MET B 86 6.20 -0.89 -53.36
CA MET B 86 6.66 -0.38 -54.63
C MET B 86 5.48 -0.04 -55.54
N LYS B 87 5.44 1.19 -56.03
CA LYS B 87 4.26 1.68 -56.75
C LYS B 87 4.65 2.41 -58.04
N LEU B 88 4.00 2.04 -59.12
CA LEU B 88 4.11 2.69 -60.41
C LEU B 88 2.67 2.96 -60.83
N GLY B 89 2.28 4.24 -60.83
CA GLY B 89 0.90 4.67 -61.13
C GLY B 89 -0.08 4.00 -60.19
N GLU B 90 -1.01 3.24 -60.77
CA GLU B 90 -2.02 2.54 -60.00
C GLU B 90 -1.55 1.21 -59.40
N THR B 91 -0.46 0.66 -59.92
CA THR B 91 -0.10 -0.70 -59.55
C THR B 91 0.90 -0.71 -58.41
N GLU B 92 0.62 -1.57 -57.44
CA GLU B 92 1.34 -1.66 -56.20
C GLU B 92 1.73 -3.11 -55.92
N VAL B 93 3.03 -3.30 -55.71
CA VAL B 93 3.70 -4.51 -55.29
C VAL B 93 4.44 -4.29 -53.95
N THR B 94 4.13 -5.16 -53.01
CA THR B 94 4.68 -5.14 -51.67
C THR B 94 5.50 -6.43 -51.49
N LYS B 95 6.73 -6.31 -50.99
CA LYS B 95 7.52 -7.51 -50.63
C LYS B 95 7.88 -7.47 -49.10
N GLN B 96 7.79 -8.60 -48.42
CA GLN B 96 8.25 -8.69 -47.04
C GLN B 96 9.65 -9.31 -46.95
N GLU B 97 10.45 -8.75 -46.04
CA GLU B 97 11.85 -9.08 -45.78
C GLU B 97 12.05 -9.27 -44.28
N HIS B 98 12.81 -10.28 -43.88
CA HIS B 98 13.13 -10.50 -42.48
C HIS B 98 14.59 -10.19 -42.18
N LEU B 99 14.78 -9.51 -41.04
CA LEU B 99 16.13 -9.35 -40.39
C LEU B 99 16.23 -10.08 -39.06
N SER B 100 17.08 -11.10 -39.00
CA SER B 100 17.48 -11.70 -37.73
C SER B 100 18.68 -10.97 -37.18
N VAL B 101 18.52 -10.37 -35.99
CA VAL B 101 19.66 -9.81 -35.26
C VAL B 101 20.11 -10.79 -34.18
N VAL B 102 21.43 -10.99 -34.11
CA VAL B 102 22.01 -11.90 -33.16
C VAL B 102 23.02 -11.16 -32.27
N LYS B 103 22.88 -11.30 -30.95
CA LYS B 103 23.97 -10.95 -30.04
C LYS B 103 24.71 -12.25 -29.72
N PRO B 104 26.01 -12.33 -30.08
CA PRO B 104 26.80 -13.50 -29.68
C PRO B 104 26.79 -13.73 -28.15
N LEU B 105 26.77 -14.99 -27.76
CA LEU B 105 26.65 -15.33 -26.36
C LEU B 105 27.84 -14.91 -25.50
N THR B 106 27.56 -14.49 -24.28
CA THR B 106 28.61 -14.38 -23.29
C THR B 106 28.32 -15.42 -22.17
N LEU B 107 29.26 -16.32 -21.95
CA LEU B 107 29.10 -17.33 -20.89
C LEU B 107 30.03 -16.94 -19.77
N SER B 108 29.46 -16.82 -18.56
CA SER B 108 30.26 -16.63 -17.36
C SER B 108 30.15 -17.80 -16.39
N VAL B 109 31.26 -18.04 -15.70
CA VAL B 109 31.30 -18.93 -14.57
C VAL B 109 32.02 -18.32 -13.36
N HIS B 110 31.41 -18.51 -12.20
CA HIS B 110 31.92 -17.99 -10.95
C HIS B 110 31.38 -18.93 -9.86
N SER B 111 32.07 -19.02 -8.73
CA SER B 111 31.57 -19.82 -7.62
C SER B 111 31.54 -19.07 -6.27
N GLU B 112 30.74 -19.57 -5.36
CA GLU B 112 30.66 -18.98 -4.05
C GLU B 112 30.40 -20.07 -3.05
N ARG B 113 31.19 -20.14 -1.99
CA ARG B 113 30.89 -21.09 -0.92
C ARG B 113 29.81 -20.57 0.06
N SER B 114 29.12 -21.51 0.68
CA SER B 114 28.07 -21.21 1.62
C SER B 114 28.68 -20.49 2.86
N GLN B 115 27.84 -19.79 3.61
CA GLN B 115 28.27 -18.91 4.72
C GLN B 115 27.45 -19.25 5.95
N PHE B 116 26.38 -20.01 5.72
CA PHE B 116 25.54 -20.54 6.76
C PHE B 116 24.78 -21.82 6.22
N PRO B 117 24.62 -22.86 7.07
CA PRO B 117 25.15 -23.13 8.40
C PRO B 117 26.65 -23.30 8.50
N ASP B 118 27.32 -23.48 7.37
CA ASP B 118 28.75 -23.64 7.34
C ASP B 118 29.27 -23.28 5.97
N PHE B 119 30.55 -23.53 5.77
CA PHE B 119 31.26 -23.13 4.56
C PHE B 119 31.51 -24.26 3.58
N SER B 120 30.82 -25.36 3.79
CA SER B 120 31.12 -26.63 3.10
C SER B 120 30.51 -26.84 1.68
N VAL B 121 29.51 -26.05 1.33
CA VAL B 121 28.77 -26.16 0.06
C VAL B 121 29.33 -25.18 -0.96
N LEU B 122 29.80 -25.67 -2.10
CA LEU B 122 30.17 -24.80 -3.21
C LEU B 122 28.95 -24.51 -4.10
N THR B 123 28.60 -23.26 -4.29
CA THR B 123 27.68 -22.96 -5.38
C THR B 123 28.36 -22.30 -6.61
N VAL B 124 28.35 -23.03 -7.72
CA VAL B 124 28.89 -22.58 -8.95
C VAL B 124 27.74 -22.04 -9.82
N THR B 125 27.86 -20.77 -10.18
CA THR B 125 26.89 -20.20 -11.07
C THR B 125 27.39 -19.93 -12.52
N CYS B 126 26.52 -20.28 -13.46
CA CYS B 126 26.80 -20.15 -14.86
C CYS B 126 25.73 -19.28 -15.50
N THR B 127 26.18 -18.24 -16.18
CA THR B 127 25.35 -17.16 -16.76
C THR B 127 25.59 -17.11 -18.25
N VAL B 128 24.50 -17.10 -19.02
CA VAL B 128 24.63 -16.88 -20.47
C VAL B 128 23.76 -15.69 -20.83
N ASN B 129 24.41 -14.70 -21.41
CA ASN B 129 23.74 -13.59 -22.04
C ASN B 129 23.81 -13.73 -23.57
N ALA B 130 22.69 -13.46 -24.25
CA ALA B 130 22.63 -13.61 -25.70
C ALA B 130 21.35 -13.08 -26.27
N PHE B 131 21.32 -13.02 -27.62
CA PHE B 131 20.07 -12.91 -28.37
C PHE B 131 20.14 -13.80 -29.66
N PRO B 132 19.04 -14.51 -30.03
CA PRO B 132 17.69 -14.56 -29.40
C PRO B 132 17.47 -15.50 -28.22
N HIS B 133 18.21 -16.60 -28.16
CA HIS B 133 17.81 -17.77 -27.35
C HIS B 133 18.94 -18.33 -26.42
N PRO B 134 19.36 -17.54 -25.42
CA PRO B 134 20.39 -17.97 -24.46
C PRO B 134 19.84 -19.18 -23.65
N HIS B 135 20.66 -20.20 -23.44
CA HIS B 135 20.19 -21.38 -22.77
C HIS B 135 21.39 -21.84 -21.94
N VAL B 136 21.14 -22.29 -20.71
CA VAL B 136 22.18 -22.77 -19.79
C VAL B 136 21.83 -24.15 -19.18
N GLN B 137 22.82 -25.04 -19.18
CA GLN B 137 22.68 -26.33 -18.53
C GLN B 137 23.96 -26.78 -17.84
N TRP B 138 23.80 -27.21 -16.59
CA TRP B 138 24.81 -27.95 -15.84
C TRP B 138 24.85 -29.45 -16.17
N LEU B 139 26.07 -29.99 -16.28
CA LEU B 139 26.34 -31.43 -16.33
C LEU B 139 27.32 -31.83 -15.18
N MET B 140 26.92 -32.82 -14.36
CA MET B 140 27.74 -33.36 -13.25
C MET B 140 28.75 -34.40 -13.79
N VAL B 155 14.75 -15.74 -16.74
CA VAL B 155 15.22 -14.96 -17.91
C VAL B 155 15.10 -13.44 -17.73
N MET B 156 16.24 -12.74 -17.67
CA MET B 156 16.28 -11.30 -17.39
C MET B 156 16.46 -10.49 -18.67
N LYS B 157 15.61 -9.48 -18.90
CA LYS B 157 15.85 -8.65 -20.09
C LYS B 157 16.76 -7.46 -19.80
N GLU B 158 17.76 -7.34 -20.64
CA GLU B 158 18.91 -6.48 -20.45
C GLU B 158 18.50 -5.16 -21.12
N LYS B 159 19.17 -4.05 -20.76
CA LYS B 159 18.81 -2.68 -21.32
C LYS B 159 19.00 -2.66 -22.85
N ASP B 160 19.91 -3.54 -23.23
CA ASP B 160 20.17 -4.11 -24.53
C ASP B 160 19.09 -4.55 -25.48
N GLY B 161 17.99 -5.10 -24.95
CA GLY B 161 17.12 -6.02 -25.68
C GLY B 161 17.59 -7.49 -25.52
N SER B 162 18.83 -7.72 -25.12
CA SER B 162 19.34 -9.11 -24.98
C SER B 162 18.84 -9.75 -23.70
N LEU B 163 18.96 -11.07 -23.61
CA LEU B 163 18.40 -11.85 -22.50
C LEU B 163 19.50 -12.59 -21.76
N SER B 164 19.36 -12.65 -20.43
CA SER B 164 20.32 -13.31 -19.57
C SER B 164 19.65 -14.42 -18.80
N VAL B 165 20.29 -15.58 -18.77
CA VAL B 165 19.79 -16.73 -18.01
C VAL B 165 20.94 -17.18 -17.10
N ALA B 166 20.62 -17.58 -15.87
CA ALA B 166 21.60 -18.13 -14.94
C ALA B 166 21.14 -19.39 -14.20
N VAL B 167 22.03 -20.36 -14.05
CA VAL B 167 21.75 -21.52 -13.19
C VAL B 167 22.85 -21.72 -12.10
N ASP B 168 22.40 -22.06 -10.91
CA ASP B 168 23.26 -22.40 -9.79
C ASP B 168 23.36 -23.92 -9.58
N LEU B 169 24.57 -24.38 -9.30
CA LEU B 169 24.78 -25.75 -8.91
C LEU B 169 25.42 -25.80 -7.51
N SER B 170 24.73 -26.42 -6.55
CA SER B 170 25.25 -26.60 -5.19
C SER B 170 25.92 -27.95 -5.02
N LEU B 171 27.19 -27.92 -4.65
CA LEU B 171 27.97 -29.11 -4.44
C LEU B 171 28.24 -29.28 -2.94
N PRO B 172 27.69 -30.34 -2.31
CA PRO B 172 28.11 -30.67 -0.94
C PRO B 172 29.54 -31.23 -0.93
N LYS B 173 30.21 -31.14 0.23
CA LYS B 173 31.49 -31.88 0.44
C LYS B 173 31.28 -33.38 0.32
N PRO B 174 32.22 -34.09 -0.34
CA PRO B 174 33.56 -33.70 -0.91
C PRO B 174 33.68 -32.59 -2.02
N TRP B 175 32.81 -32.67 -3.05
CA TRP B 175 32.64 -31.68 -4.17
C TRP B 175 32.96 -32.35 -5.48
N HIS B 176 31.91 -32.53 -6.28
CA HIS B 176 31.95 -33.27 -7.55
C HIS B 176 32.59 -32.45 -8.72
N LEU B 177 33.90 -32.20 -8.58
CA LEU B 177 34.71 -31.36 -9.46
C LEU B 177 35.59 -32.22 -10.39
N PRO B 178 35.73 -31.82 -11.70
CA PRO B 178 35.22 -30.62 -12.40
C PRO B 178 33.76 -30.70 -12.80
N VAL B 179 33.09 -29.56 -12.78
CA VAL B 179 31.72 -29.46 -13.30
C VAL B 179 31.70 -28.56 -14.55
N THR B 180 30.99 -29.04 -15.57
CA THR B 180 30.88 -28.36 -16.86
C THR B 180 29.51 -27.74 -17.10
N CYS B 181 29.53 -26.44 -17.38
CA CYS B 181 28.40 -25.65 -17.81
C CYS B 181 28.25 -25.57 -19.36
N VAL B 182 27.05 -25.87 -19.90
CA VAL B 182 26.76 -25.72 -21.35
C VAL B 182 25.83 -24.53 -21.60
N GLY B 183 26.36 -23.51 -22.31
CA GLY B 183 25.60 -22.33 -22.75
C GLY B 183 25.38 -22.41 -24.28
N LYS B 184 24.15 -22.14 -24.72
CA LYS B 184 23.84 -22.12 -26.14
C LYS B 184 23.07 -20.87 -26.52
N ASN B 185 23.13 -20.54 -27.80
CA ASN B 185 22.27 -19.54 -28.43
C ASN B 185 22.09 -20.17 -29.79
N ASP B 186 20.98 -20.89 -29.94
CA ASP B 186 20.77 -21.76 -31.11
C ASP B 186 21.95 -22.68 -31.31
N LYS B 187 22.58 -22.63 -32.49
CA LYS B 187 23.76 -23.48 -32.78
C LYS B 187 25.03 -23.01 -32.10
N GLU B 188 25.10 -21.74 -31.72
CA GLU B 188 26.24 -21.22 -30.92
C GLU B 188 26.35 -21.95 -29.62
N GLU B 189 27.57 -22.34 -29.27
CA GLU B 189 27.83 -23.11 -28.03
C GLU B 189 29.13 -22.76 -27.35
N ALA B 190 29.08 -22.56 -26.03
CA ALA B 190 30.29 -22.52 -25.22
C ALA B 190 30.11 -23.33 -23.97
N HIS B 191 31.23 -23.71 -23.36
CA HIS B 191 31.19 -24.37 -22.09
C HIS B 191 31.94 -23.57 -21.02
N GLY B 192 31.42 -23.66 -19.79
CA GLY B 192 32.17 -23.22 -18.61
C GLY B 192 32.51 -24.43 -17.76
N VAL B 193 33.80 -24.56 -17.41
CA VAL B 193 34.28 -25.65 -16.54
C VAL B 193 34.92 -25.10 -15.24
N TYR B 194 34.30 -25.40 -14.09
CA TYR B 194 34.92 -25.09 -12.77
C TYR B 194 35.79 -26.27 -12.35
N VAL B 195 37.10 -26.02 -12.21
CA VAL B 195 38.10 -27.08 -12.05
C VAL B 195 38.53 -27.27 -10.59
N SER B 196 39.00 -26.20 -9.95
CA SER B 196 39.39 -26.29 -8.54
C SER B 196 39.00 -25.02 -7.81
N GLY B 197 38.68 -25.12 -6.51
CA GLY B 197 38.31 -23.98 -5.63
C GLY B 197 39.59 -23.28 -5.19
N TYR B 198 39.49 -22.07 -4.65
CA TYR B 198 40.68 -21.35 -4.16
C TYR B 198 41.45 -22.11 -3.05
N LEU B 199 40.68 -22.88 -2.30
CA LEU B 199 41.08 -23.47 -1.03
C LEU B 199 40.76 -24.95 -1.16
N SER B 200 41.73 -25.79 -0.84
CA SER B 200 41.52 -27.23 -0.59
C SER B 200 40.35 -27.55 0.39
N VAL C 1 44.20 -16.00 8.53
CA VAL C 1 42.83 -16.49 8.18
C VAL C 1 42.42 -16.01 6.76
N THR C 2 41.64 -16.81 6.04
CA THR C 2 41.14 -16.44 4.72
C THR C 2 39.65 -16.16 4.81
N ALA C 3 39.25 -15.09 4.13
CA ALA C 3 37.87 -14.65 4.00
C ALA C 3 37.56 -14.41 2.52
N PHE C 4 36.45 -14.96 2.00
CA PHE C 4 35.98 -14.49 0.71
C PHE C 4 35.27 -13.14 0.86
N LEU C 5 35.30 -12.34 -0.22
CA LEU C 5 34.63 -11.04 -0.33
C LEU C 5 33.14 -11.11 0.11
N GLY C 6 32.78 -10.24 1.05
CA GLY C 6 31.45 -10.17 1.59
C GLY C 6 31.20 -11.03 2.82
N GLU C 7 32.12 -11.95 3.12
CA GLU C 7 31.96 -12.84 4.28
C GLU C 7 32.26 -12.16 5.61
N ARG C 8 31.57 -12.61 6.66
CA ARG C 8 31.91 -12.30 8.06
C ARG C 8 33.19 -13.05 8.41
N VAL C 9 34.16 -12.35 8.97
CA VAL C 9 35.37 -13.06 9.39
C VAL C 9 35.83 -12.65 10.78
N THR C 10 36.64 -13.51 11.37
CA THR C 10 37.15 -13.33 12.70
C THR C 10 38.69 -13.50 12.81
N LEU C 11 39.34 -12.53 13.41
CA LEU C 11 40.71 -12.71 13.96
C LEU C 11 40.58 -12.80 15.48
N THR C 12 41.40 -13.60 16.12
CA THR C 12 41.36 -13.70 17.55
C THR C 12 42.70 -13.62 18.23
N SER C 13 42.67 -13.24 19.51
CA SER C 13 43.86 -13.23 20.31
C SER C 13 43.45 -13.62 21.75
N TYR C 14 44.38 -13.96 22.64
CA TYR C 14 43.94 -14.25 24.02
C TYR C 14 44.97 -13.84 25.04
N TRP C 15 44.51 -13.60 26.25
CA TRP C 15 45.39 -13.36 27.36
C TRP C 15 45.83 -14.68 28.02
N ARG C 16 47.14 -14.78 28.30
CA ARG C 16 47.83 -15.98 28.84
C ARG C 16 47.18 -16.46 30.12
N ARG C 17 46.74 -15.54 31.01
CA ARG C 17 46.10 -15.95 32.29
C ARG C 17 44.60 -16.14 32.05
N VAL C 18 44.18 -17.40 32.01
CA VAL C 18 42.89 -17.81 31.41
C VAL C 18 41.72 -17.40 32.28
N SER C 19 41.97 -17.10 33.56
CA SER C 19 40.92 -16.68 34.48
C SER C 19 40.59 -15.18 34.39
N LEU C 20 41.42 -14.41 33.69
CA LEU C 20 41.13 -12.96 33.45
C LEU C 20 40.35 -12.72 32.16
N GLY C 21 39.77 -11.52 32.05
CA GLY C 21 38.93 -11.15 30.93
C GLY C 21 38.73 -9.64 30.78
N PRO C 22 37.72 -9.08 31.52
CA PRO C 22 37.32 -7.68 31.41
C PRO C 22 38.40 -6.74 31.88
N GLU C 23 39.34 -7.22 32.71
CA GLU C 23 40.42 -6.36 33.23
C GLU C 23 41.54 -6.03 32.22
N ILE C 24 41.59 -6.79 31.11
CA ILE C 24 42.55 -6.63 30.05
C ILE C 24 42.06 -5.49 29.11
N GLU C 25 42.93 -4.48 28.92
CA GLU C 25 42.77 -3.49 27.86
C GLU C 25 43.27 -4.02 26.53
N VAL C 26 42.32 -4.14 25.63
CA VAL C 26 42.48 -4.66 24.32
C VAL C 26 42.34 -3.50 23.32
N SER C 27 43.33 -3.33 22.46
CA SER C 27 43.16 -2.45 21.34
C SER C 27 43.62 -3.23 20.09
N TRP C 28 42.89 -3.04 18.98
CA TRP C 28 43.18 -3.67 17.69
C TRP C 28 43.55 -2.58 16.70
N PHE C 29 44.56 -2.85 15.88
CA PHE C 29 45.15 -1.91 14.96
C PHE C 29 45.21 -2.58 13.63
N LYS C 30 45.11 -1.79 12.57
CA LYS C 30 45.26 -2.28 11.20
C LYS C 30 46.66 -1.83 10.77
N LEU C 31 47.47 -2.77 10.28
CA LEU C 31 48.82 -2.39 9.77
C LEU C 31 48.85 -1.89 8.32
N GLY C 32 49.68 -0.87 8.10
CA GLY C 32 49.75 -0.19 6.82
C GLY C 32 51.16 -0.19 6.32
N PRO C 33 51.38 0.50 5.18
CA PRO C 33 52.62 0.62 4.37
C PRO C 33 54.05 0.14 4.87
N GLY C 34 54.88 0.90 5.59
CA GLY C 34 54.57 2.14 6.29
C GLY C 34 55.05 1.90 7.74
N GLU C 35 54.64 0.73 8.28
CA GLU C 35 54.90 0.39 9.66
C GLU C 35 53.86 1.04 10.56
N GLU C 36 52.85 1.62 9.90
CA GLU C 36 51.84 2.45 10.59
C GLU C 36 50.75 1.61 11.24
N GLN C 37 50.42 1.95 12.49
CA GLN C 37 49.43 1.25 13.23
C GLN C 37 48.25 2.23 13.28
N VAL C 38 47.14 1.84 12.64
CA VAL C 38 45.92 2.64 12.67
C VAL C 38 44.94 2.02 13.62
N LEU C 39 44.49 2.79 14.60
CA LEU C 39 43.54 2.24 15.57
C LEU C 39 42.17 1.91 15.02
N ILE C 40 41.71 0.69 15.22
CA ILE C 40 40.35 0.24 14.85
C ILE C 40 39.37 0.40 16.02
N GLY C 41 39.70 -0.21 17.14
CA GLY C 41 38.94 -0.01 18.35
C GLY C 41 39.58 -0.51 19.63
N ARG C 42 38.81 -0.41 20.73
CA ARG C 42 39.28 -0.65 22.09
C ARG C 42 38.23 -1.29 22.92
N MET C 43 38.65 -2.17 23.80
CA MET C 43 37.83 -2.86 24.74
C MET C 43 38.51 -2.93 26.12
N HIS C 44 37.79 -2.52 27.16
CA HIS C 44 38.23 -2.68 28.53
C HIS C 44 37.03 -2.67 29.49
N HIS C 45 36.96 -3.59 30.43
CA HIS C 45 35.85 -3.61 31.39
C HIS C 45 34.49 -3.82 30.68
N ASP C 46 34.48 -4.56 29.57
CA ASP C 46 33.27 -4.84 28.83
C ASP C 46 32.68 -3.56 28.10
N VAL C 47 33.45 -2.45 28.03
CA VAL C 47 33.14 -1.28 27.23
C VAL C 47 34.01 -1.34 25.96
N ILE C 48 33.34 -1.34 24.81
CA ILE C 48 33.92 -1.40 23.50
C ILE C 48 33.64 -0.08 22.77
N PHE C 49 34.67 0.51 22.18
CA PHE C 49 34.50 1.66 21.28
C PHE C 49 35.29 1.41 19.99
N ILE C 50 34.57 1.48 18.87
CA ILE C 50 35.14 1.33 17.55
C ILE C 50 35.24 2.71 16.95
N GLU C 51 36.43 3.06 16.49
CA GLU C 51 36.73 4.34 15.94
C GLU C 51 35.84 4.60 14.72
N TRP C 52 35.42 5.85 14.53
CA TRP C 52 34.38 6.12 13.55
C TRP C 52 34.66 5.66 12.09
N PRO C 53 35.90 5.82 11.57
CA PRO C 53 36.16 5.27 10.23
C PRO C 53 36.00 3.75 10.05
N PHE C 54 36.03 2.97 11.15
CA PHE C 54 35.87 1.52 11.03
C PHE C 54 34.47 1.04 11.50
N ARG C 55 33.66 1.95 12.04
CA ARG C 55 32.32 1.61 12.55
C ARG C 55 31.43 0.95 11.44
N GLY C 56 30.80 -0.19 11.75
CA GLY C 56 30.00 -0.93 10.78
C GLY C 56 30.82 -1.95 10.03
N PHE C 57 32.13 -1.71 9.91
CA PHE C 57 33.02 -2.58 9.17
C PHE C 57 33.72 -3.58 10.13
N PHE C 58 33.93 -3.13 11.38
CA PHE C 58 34.70 -3.91 12.35
C PHE C 58 34.02 -3.79 13.69
N ASP C 59 33.94 -4.90 14.40
CA ASP C 59 33.52 -4.86 15.81
C ASP C 59 34.49 -5.66 16.65
N ILE C 60 34.40 -5.49 17.95
CA ILE C 60 35.28 -6.17 18.87
C ILE C 60 34.41 -6.84 19.94
N HIS C 61 34.74 -8.06 20.35
CA HIS C 61 34.15 -8.66 21.54
C HIS C 61 35.01 -9.67 22.23
N ARG C 62 34.50 -10.23 23.34
CA ARG C 62 35.25 -11.02 24.28
C ARG C 62 34.48 -12.30 24.66
N SER C 63 35.19 -13.43 24.78
CA SER C 63 34.69 -14.59 25.52
C SER C 63 35.75 -15.06 26.50
N ALA C 64 35.46 -14.92 27.80
CA ALA C 64 36.45 -15.23 28.83
C ALA C 64 37.74 -14.44 28.52
N ASN C 65 38.87 -15.14 28.33
CA ASN C 65 40.20 -14.53 28.03
C ASN C 65 40.58 -14.38 26.54
N THR C 66 39.65 -14.71 25.64
CA THR C 66 39.84 -14.62 24.21
C THR C 66 39.12 -13.35 23.66
N PHE C 67 39.83 -12.59 22.81
CA PHE C 67 39.38 -11.34 22.22
C PHE C 67 39.19 -11.55 20.71
N PHE C 68 38.12 -10.98 20.14
CA PHE C 68 37.78 -11.17 18.74
C PHE C 68 37.70 -9.84 18.03
N LEU C 69 38.29 -9.79 16.82
CA LEU C 69 38.05 -8.73 15.86
C LEU C 69 37.20 -9.36 14.77
N VAL C 70 35.98 -8.86 14.60
CA VAL C 70 35.00 -9.37 13.66
C VAL C 70 34.95 -8.39 12.47
N VAL C 71 35.23 -8.85 11.27
CA VAL C 71 34.92 -8.06 10.07
C VAL C 71 33.55 -8.40 9.49
N THR C 72 32.67 -7.41 9.45
CA THR C 72 31.30 -7.75 9.19
C THR C 72 31.03 -8.19 7.71
N ALA C 73 31.75 -7.57 6.75
CA ALA C 73 31.72 -7.98 5.35
C ALA C 73 33.10 -7.78 4.73
N ALA C 74 33.92 -8.85 4.64
CA ALA C 74 35.31 -8.64 4.22
C ALA C 74 35.37 -7.98 2.82
N ASN C 75 36.10 -6.85 2.73
CA ASN C 75 36.34 -6.21 1.44
C ASN C 75 37.86 -6.17 1.20
N ILE C 76 38.27 -5.80 0.01
CA ILE C 76 39.64 -5.99 -0.41
C ILE C 76 40.64 -5.10 0.35
N SER C 77 40.20 -3.95 0.89
CA SER C 77 41.06 -3.08 1.69
C SER C 77 41.44 -3.71 3.03
N HIS C 78 40.64 -4.70 3.46
CA HIS C 78 40.86 -5.46 4.70
C HIS C 78 41.97 -6.49 4.69
N ASP C 79 42.40 -6.89 3.49
CA ASP C 79 43.48 -7.82 3.27
C ASP C 79 44.73 -7.17 3.85
N GLY C 80 45.39 -7.86 4.78
CA GLY C 80 46.70 -7.42 5.27
C GLY C 80 46.85 -7.80 6.72
N ASN C 81 47.82 -7.20 7.40
CA ASN C 81 48.09 -7.50 8.82
C ASN C 81 47.37 -6.59 9.79
N TYR C 82 47.08 -7.19 10.95
CA TYR C 82 46.39 -6.60 12.12
C TYR C 82 47.19 -6.93 13.40
N LEU C 83 46.95 -6.14 14.43
CA LEU C 83 47.64 -6.23 15.68
C LEU C 83 46.62 -6.23 16.80
N CYS C 84 46.76 -7.14 17.76
CA CYS C 84 45.96 -7.06 18.98
C CYS C 84 46.93 -6.77 20.15
N ARG C 85 46.85 -5.56 20.70
CA ARG C 85 47.66 -5.22 21.86
C ARG C 85 46.78 -5.43 23.10
N MET C 86 47.29 -6.23 24.04
CA MET C 86 46.63 -6.57 25.30
C MET C 86 47.46 -6.11 26.45
N LYS C 87 46.82 -5.42 27.36
CA LYS C 87 47.54 -4.75 28.43
C LYS C 87 46.91 -4.97 29.80
N LEU C 88 47.75 -5.30 30.78
CA LEU C 88 47.32 -5.51 32.14
C LEU C 88 48.39 -4.82 32.97
N GLY C 89 48.01 -3.74 33.67
CA GLY C 89 48.95 -2.92 34.45
C GLY C 89 50.09 -2.48 33.52
N GLU C 90 51.31 -2.64 34.00
CA GLU C 90 52.50 -2.39 33.19
C GLU C 90 52.80 -3.33 32.02
N THR C 91 52.27 -4.55 32.01
CA THR C 91 52.73 -5.52 31.03
C THR C 91 51.84 -5.55 29.77
N GLU C 92 52.47 -5.52 28.59
CA GLU C 92 51.69 -5.66 27.33
C GLU C 92 52.12 -6.86 26.51
N VAL C 93 51.17 -7.43 25.83
CA VAL C 93 51.44 -8.54 24.92
C VAL C 93 50.71 -8.14 23.63
N THR C 94 51.42 -8.19 22.49
CA THR C 94 50.85 -7.87 21.19
C THR C 94 50.99 -8.99 20.18
N LYS C 95 49.87 -9.46 19.64
CA LYS C 95 49.84 -10.49 18.61
C LYS C 95 49.45 -9.93 17.21
N GLN C 96 50.26 -10.28 16.22
CA GLN C 96 49.96 -10.05 14.83
C GLN C 96 49.13 -11.18 14.18
N GLU C 97 48.06 -10.81 13.50
CA GLU C 97 47.21 -11.75 12.78
C GLU C 97 47.05 -11.25 11.34
N HIS C 98 47.05 -12.17 10.40
CA HIS C 98 46.85 -11.88 8.98
C HIS C 98 45.42 -12.29 8.51
N LEU C 99 44.78 -11.40 7.75
CA LEU C 99 43.54 -11.68 7.02
C LEU C 99 43.80 -11.57 5.53
N SER C 100 43.66 -12.69 4.81
CA SER C 100 43.65 -12.66 3.33
C SER C 100 42.21 -12.62 2.89
N VAL C 101 41.90 -11.64 2.06
CA VAL C 101 40.59 -11.48 1.42
C VAL C 101 40.77 -11.94 -0.02
N VAL C 102 39.82 -12.74 -0.47
CA VAL C 102 39.86 -13.35 -1.78
C VAL C 102 38.52 -13.06 -2.47
N LYS C 103 38.57 -12.63 -3.71
CA LYS C 103 37.40 -12.60 -4.55
C LYS C 103 37.54 -13.76 -5.53
N PRO C 104 36.58 -14.72 -5.49
CA PRO C 104 36.50 -15.86 -6.40
C PRO C 104 36.50 -15.38 -7.88
N LEU C 105 37.20 -16.10 -8.77
CA LEU C 105 37.26 -15.71 -10.16
C LEU C 105 35.90 -15.80 -10.80
N THR C 106 35.65 -14.86 -11.72
CA THR C 106 34.61 -14.96 -12.75
C THR C 106 35.33 -15.02 -14.14
N LEU C 107 35.20 -16.14 -14.85
CA LEU C 107 35.71 -16.28 -16.17
C LEU C 107 34.55 -16.06 -17.12
N SER C 108 34.80 -15.20 -18.12
CA SER C 108 33.83 -14.93 -19.21
C SER C 108 34.41 -15.21 -20.58
N VAL C 109 33.66 -15.96 -21.40
CA VAL C 109 33.95 -16.14 -22.83
C VAL C 109 32.89 -15.56 -23.76
N HIS C 110 33.34 -14.79 -24.74
CA HIS C 110 32.52 -14.24 -25.80
C HIS C 110 33.33 -14.15 -27.12
N SER C 111 32.64 -14.03 -28.25
CA SER C 111 33.31 -13.90 -29.57
C SER C 111 32.61 -12.86 -30.41
N GLU C 112 33.39 -12.25 -31.30
CA GLU C 112 32.86 -11.35 -32.29
C GLU C 112 33.52 -11.72 -33.64
N ARG C 113 32.76 -11.77 -34.74
CA ARG C 113 33.38 -11.84 -36.10
C ARG C 113 33.80 -10.46 -36.68
N SER C 114 34.75 -10.50 -37.61
CA SER C 114 35.18 -9.31 -38.32
C SER C 114 34.04 -8.70 -39.18
N GLN C 115 34.17 -7.43 -39.51
CA GLN C 115 33.22 -6.75 -40.43
C GLN C 115 33.87 -6.13 -41.72
N PHE C 116 35.21 -6.12 -41.76
CA PHE C 116 35.97 -5.66 -42.93
C PHE C 116 37.38 -6.32 -42.90
N PRO C 117 37.90 -6.81 -44.04
CA PRO C 117 37.28 -6.86 -45.38
C PRO C 117 36.17 -7.89 -45.52
N ASP C 118 36.06 -8.81 -44.58
CA ASP C 118 35.02 -9.81 -44.64
C ASP C 118 34.58 -10.24 -43.22
N PHE C 119 33.77 -11.29 -43.10
CA PHE C 119 33.16 -11.68 -41.83
C PHE C 119 33.77 -13.00 -41.36
N SER C 120 34.95 -13.27 -41.87
CA SER C 120 35.53 -14.60 -41.73
C SER C 120 36.45 -14.78 -40.51
N VAL C 121 36.89 -13.70 -39.88
CA VAL C 121 37.82 -13.80 -38.74
C VAL C 121 37.03 -13.76 -37.43
N LEU C 122 37.25 -14.76 -36.59
CA LEU C 122 36.61 -14.84 -35.30
C LEU C 122 37.54 -14.34 -34.24
N THR C 123 37.16 -13.29 -33.52
CA THR C 123 37.89 -12.93 -32.31
C THR C 123 37.14 -13.45 -31.06
N VAL C 124 37.76 -14.37 -30.30
CA VAL C 124 37.23 -14.91 -29.02
C VAL C 124 37.92 -14.19 -27.85
N THR C 125 37.10 -13.65 -26.95
CA THR C 125 37.58 -12.89 -25.81
C THR C 125 37.41 -13.73 -24.53
N CYS C 126 38.49 -13.80 -23.77
CA CYS C 126 38.44 -14.42 -22.48
C CYS C 126 38.88 -13.43 -21.40
N THR C 127 37.98 -13.19 -20.45
CA THR C 127 38.16 -12.25 -19.31
C THR C 127 38.14 -13.06 -17.98
N VAL C 128 39.06 -12.75 -17.08
CA VAL C 128 39.04 -13.29 -15.73
C VAL C 128 39.16 -12.13 -14.77
N ASN C 129 38.12 -11.97 -13.96
CA ASN C 129 38.13 -11.09 -12.81
C ASN C 129 38.29 -11.92 -11.52
N ALA C 130 39.22 -11.48 -10.66
CA ALA C 130 39.41 -12.04 -9.32
C ALA C 130 40.27 -11.13 -8.43
N PHE C 131 40.48 -11.59 -7.21
CA PHE C 131 41.49 -11.03 -6.29
C PHE C 131 42.05 -12.23 -5.52
N PRO C 132 43.38 -12.27 -5.27
CA PRO C 132 44.49 -11.36 -5.59
C PRO C 132 45.12 -11.42 -7.01
N HIS C 133 45.08 -12.61 -7.64
CA HIS C 133 45.94 -12.93 -8.79
C HIS C 133 45.17 -13.50 -9.99
N PRO C 134 44.28 -12.68 -10.63
CA PRO C 134 43.69 -13.19 -11.85
C PRO C 134 44.74 -13.43 -12.97
N HIS C 135 44.52 -14.50 -13.71
CA HIS C 135 45.41 -14.91 -14.79
C HIS C 135 44.64 -15.61 -15.93
N VAL C 136 44.92 -15.19 -17.18
CA VAL C 136 44.24 -15.81 -18.32
C VAL C 136 45.20 -16.35 -19.37
N GLN C 137 44.84 -17.49 -19.95
CA GLN C 137 45.65 -18.07 -20.99
C GLN C 137 44.83 -18.80 -22.04
N TRP C 138 45.06 -18.52 -23.32
CA TRP C 138 44.45 -19.30 -24.40
C TRP C 138 45.26 -20.54 -24.80
N LEU C 139 44.54 -21.65 -24.99
CA LEU C 139 45.06 -22.88 -25.64
C LEU C 139 44.26 -23.30 -26.91
N MET C 140 45.00 -23.60 -27.96
CA MET C 140 44.43 -24.07 -29.25
C MET C 140 44.11 -25.60 -29.19
N VAL C 155 46.05 -5.41 -16.97
CA VAL C 155 45.35 -5.59 -15.67
C VAL C 155 44.60 -4.30 -15.27
N MET C 156 43.27 -4.40 -15.16
CA MET C 156 42.44 -3.25 -14.78
C MET C 156 42.03 -3.37 -13.31
N LYS C 157 42.16 -2.28 -12.53
CA LYS C 157 41.63 -2.29 -11.15
C LYS C 157 40.16 -1.85 -11.21
N GLU C 158 39.28 -2.70 -10.66
CA GLU C 158 37.84 -2.44 -10.58
C GLU C 158 37.50 -1.57 -9.37
N LYS C 159 36.30 -1.01 -9.36
CA LYS C 159 35.78 -0.25 -8.20
C LYS C 159 35.98 -0.99 -6.85
N ASP C 160 35.62 -2.28 -6.81
CA ASP C 160 35.78 -3.03 -5.58
C ASP C 160 37.24 -3.35 -5.19
N GLY C 161 38.24 -2.94 -5.98
CA GLY C 161 39.64 -3.29 -5.70
C GLY C 161 40.07 -4.64 -6.25
N SER C 162 39.19 -5.33 -6.97
CA SER C 162 39.57 -6.56 -7.68
C SER C 162 40.26 -6.26 -9.03
N LEU C 163 40.81 -7.30 -9.64
CA LEU C 163 41.56 -7.11 -10.86
C LEU C 163 40.99 -7.90 -12.02
N SER C 164 40.99 -7.28 -13.18
CA SER C 164 40.47 -7.92 -14.41
C SER C 164 41.52 -8.03 -15.47
N VAL C 165 41.56 -9.21 -16.09
CA VAL C 165 42.54 -9.49 -17.11
C VAL C 165 41.79 -10.08 -18.31
N ALA C 166 42.19 -9.71 -19.51
CA ALA C 166 41.46 -10.11 -20.72
C ALA C 166 42.42 -10.42 -21.87
N VAL C 167 42.11 -11.45 -22.64
CA VAL C 167 42.93 -11.92 -23.76
C VAL C 167 42.04 -12.35 -24.96
N ASP C 168 42.41 -11.80 -26.12
CA ASP C 168 41.75 -11.95 -27.40
C ASP C 168 42.53 -13.01 -28.15
N LEU C 169 41.80 -13.82 -28.92
CA LEU C 169 42.38 -14.82 -29.80
C LEU C 169 41.68 -14.71 -31.15
N SER C 170 42.40 -14.36 -32.22
CA SER C 170 41.82 -14.19 -33.53
C SER C 170 42.03 -15.46 -34.36
N LEU C 171 40.95 -15.99 -34.89
CA LEU C 171 40.93 -17.23 -35.60
C LEU C 171 40.49 -16.97 -37.06
N PRO C 172 41.41 -17.12 -38.06
CA PRO C 172 40.99 -17.06 -39.44
C PRO C 172 40.29 -18.36 -39.82
N LYS C 173 39.51 -18.34 -40.89
CA LYS C 173 38.94 -19.57 -41.35
C LYS C 173 40.04 -20.46 -41.96
N PRO C 174 39.92 -21.79 -41.81
CA PRO C 174 38.90 -22.59 -41.11
C PRO C 174 39.12 -22.52 -39.62
N TRP C 175 38.09 -22.25 -38.81
CA TRP C 175 38.29 -21.93 -37.40
C TRP C 175 38.74 -23.12 -36.52
N HIS C 176 39.84 -22.98 -35.80
CA HIS C 176 40.34 -24.05 -34.94
C HIS C 176 39.52 -24.35 -33.63
N LEU C 177 38.24 -24.71 -33.79
CA LEU C 177 37.41 -25.03 -32.61
C LEU C 177 37.41 -26.53 -32.25
N PRO C 178 37.25 -26.87 -30.96
CA PRO C 178 36.98 -25.97 -29.85
C PRO C 178 38.21 -25.20 -29.43
N VAL C 179 38.01 -24.05 -28.83
CA VAL C 179 39.13 -23.33 -28.30
C VAL C 179 38.97 -23.19 -26.78
N THR C 180 40.04 -23.33 -26.03
CA THR C 180 39.87 -23.23 -24.58
C THR C 180 40.75 -22.21 -23.88
N CYS C 181 40.10 -21.50 -22.97
CA CYS C 181 40.68 -20.45 -22.17
C CYS C 181 40.81 -20.99 -20.72
N VAL C 182 42.01 -20.94 -20.14
CA VAL C 182 42.23 -21.35 -18.74
C VAL C 182 42.35 -20.07 -17.90
N GLY C 183 41.42 -19.89 -16.95
CA GLY C 183 41.55 -18.77 -15.99
C GLY C 183 41.89 -19.29 -14.59
N LYS C 184 42.75 -18.56 -13.85
CA LYS C 184 43.22 -18.98 -12.52
C LYS C 184 43.25 -17.82 -11.55
N ASN C 185 43.21 -18.17 -10.26
CA ASN C 185 43.38 -17.24 -9.14
C ASN C 185 44.09 -18.02 -8.05
N ASP C 186 45.42 -17.97 -8.10
CA ASP C 186 46.27 -18.92 -7.37
C ASP C 186 45.89 -20.40 -7.71
N LYS C 187 45.35 -21.19 -6.76
CA LYS C 187 44.92 -22.58 -7.04
C LYS C 187 43.51 -22.69 -7.64
N GLU C 188 42.80 -21.58 -7.67
CA GLU C 188 41.46 -21.58 -8.22
C GLU C 188 41.61 -21.63 -9.71
N GLU C 189 40.76 -22.43 -10.35
CA GLU C 189 40.88 -22.69 -11.77
C GLU C 189 39.52 -22.94 -12.44
N ALA C 190 39.26 -22.25 -13.56
CA ALA C 190 38.10 -22.51 -14.46
C ALA C 190 38.52 -22.49 -15.97
N HIS C 191 37.68 -23.11 -16.81
CA HIS C 191 37.91 -23.06 -18.22
C HIS C 191 36.74 -22.42 -18.92
N GLY C 192 37.04 -21.73 -20.02
CA GLY C 192 36.05 -21.27 -20.96
C GLY C 192 36.39 -21.88 -22.28
N VAL C 193 35.42 -22.56 -22.88
CA VAL C 193 35.57 -23.31 -24.16
C VAL C 193 34.55 -22.72 -25.12
N TYR C 194 35.01 -22.10 -26.21
CA TYR C 194 34.17 -21.79 -27.35
C TYR C 194 34.18 -22.98 -28.32
N VAL C 195 32.97 -23.53 -28.54
CA VAL C 195 32.79 -24.80 -29.21
C VAL C 195 32.29 -24.57 -30.66
N SER C 196 31.31 -23.68 -30.89
CA SER C 196 30.88 -23.33 -32.27
C SER C 196 30.20 -21.99 -32.38
N GLY C 197 30.38 -21.35 -33.53
CA GLY C 197 29.66 -20.11 -33.92
C GLY C 197 28.17 -20.31 -34.13
N TYR C 198 27.45 -19.18 -34.18
CA TYR C 198 26.01 -19.14 -34.43
C TYR C 198 25.61 -19.65 -35.83
N LEU C 199 26.42 -19.31 -36.84
CA LEU C 199 26.17 -19.72 -38.24
C LEU C 199 26.85 -21.01 -38.70
N SER C 200 26.21 -21.65 -39.68
CA SER C 200 26.69 -22.80 -40.46
C SER C 200 25.68 -23.95 -40.35
N VAL D 1 -28.29 38.53 8.09
CA VAL D 1 -29.58 37.85 8.39
C VAL D 1 -29.35 36.40 8.86
N THR D 2 -30.13 35.96 9.85
CA THR D 2 -30.14 34.60 10.35
C THR D 2 -31.35 33.85 9.78
N ALA D 3 -31.07 32.75 9.08
CA ALA D 3 -32.10 31.77 8.71
C ALA D 3 -31.78 30.40 9.39
N PHE D 4 -32.82 29.70 9.81
CA PHE D 4 -32.70 28.31 10.23
C PHE D 4 -32.84 27.37 9.04
N LEU D 5 -32.20 26.21 9.10
CA LEU D 5 -32.25 25.23 8.01
C LEU D 5 -33.69 24.97 7.56
N GLY D 6 -33.92 25.04 6.24
CA GLY D 6 -35.24 24.84 5.62
C GLY D 6 -36.17 26.08 5.54
N GLU D 7 -35.76 27.21 6.11
CA GLU D 7 -36.61 28.36 6.14
C GLU D 7 -36.33 29.16 4.87
N ARG D 8 -37.38 29.78 4.34
CA ARG D 8 -37.17 30.82 3.32
C ARG D 8 -36.44 31.99 3.99
N VAL D 9 -35.57 32.69 3.24
CA VAL D 9 -34.81 33.81 3.77
C VAL D 9 -34.51 34.82 2.68
N THR D 10 -34.21 36.06 3.06
CA THR D 10 -34.03 37.16 2.09
C THR D 10 -32.83 38.00 2.46
N LEU D 11 -32.04 38.32 1.45
CA LEU D 11 -31.01 39.40 1.55
C LEU D 11 -31.47 40.59 0.69
N THR D 12 -31.06 41.81 1.03
CA THR D 12 -31.45 42.98 0.23
C THR D 12 -30.29 43.87 -0.04
N SER D 13 -30.34 44.58 -1.15
CA SER D 13 -29.34 45.59 -1.39
C SER D 13 -30.05 46.76 -2.06
N TYR D 14 -29.39 47.92 -2.13
CA TYR D 14 -29.92 49.09 -2.84
C TYR D 14 -28.74 49.96 -3.28
N TRP D 15 -28.91 50.72 -4.34
CA TRP D 15 -27.90 51.71 -4.74
C TRP D 15 -28.12 53.11 -4.10
N ARG D 16 -27.36 53.40 -3.03
CA ARG D 16 -27.02 54.77 -2.52
C ARG D 16 -27.74 55.42 -1.32
N ARG D 17 -28.74 56.34 -1.41
CA ARG D 17 -29.27 57.23 -2.52
C ARG D 17 -29.89 56.72 -3.86
N VAL D 18 -29.13 56.71 -4.96
CA VAL D 18 -29.71 56.45 -6.32
C VAL D 18 -31.10 55.77 -6.23
N SER D 19 -32.07 56.45 -6.83
CA SER D 19 -33.45 56.00 -6.82
C SER D 19 -33.94 55.55 -8.22
N LEU D 20 -33.15 54.76 -8.95
CA LEU D 20 -33.52 54.41 -10.37
C LEU D 20 -33.93 52.96 -10.68
N GLY D 21 -34.36 52.20 -9.68
CA GLY D 21 -35.18 51.02 -9.90
C GLY D 21 -34.77 50.04 -10.97
N PRO D 22 -35.64 49.85 -11.96
CA PRO D 22 -35.48 48.76 -12.92
C PRO D 22 -34.43 49.05 -13.96
N GLU D 23 -33.87 50.25 -13.91
CA GLU D 23 -32.81 50.68 -14.82
C GLU D 23 -31.44 50.09 -14.45
N ILE D 24 -31.26 49.85 -13.15
CA ILE D 24 -30.02 49.23 -12.62
C ILE D 24 -29.85 47.76 -13.01
N GLU D 25 -28.65 47.43 -13.51
CA GLU D 25 -28.31 46.07 -13.77
C GLU D 25 -27.77 45.40 -12.47
N VAL D 26 -28.52 44.38 -11.99
CA VAL D 26 -28.23 43.76 -10.73
C VAL D 26 -27.76 42.32 -10.96
N SER D 27 -26.62 42.00 -10.36
CA SER D 27 -26.21 40.62 -10.29
C SER D 27 -25.84 40.26 -8.83
N TRP D 28 -26.26 39.10 -8.38
CA TRP D 28 -25.89 38.57 -7.06
C TRP D 28 -24.92 37.40 -7.24
N PHE D 29 -23.91 37.37 -6.37
CA PHE D 29 -22.88 36.36 -6.34
C PHE D 29 -22.83 35.78 -4.92
N LYS D 30 -22.61 34.47 -4.83
CA LYS D 30 -22.22 33.81 -3.61
C LYS D 30 -20.72 33.90 -3.51
N LEU D 31 -20.24 34.30 -2.35
CA LEU D 31 -18.78 34.44 -2.12
C LEU D 31 -18.16 33.24 -1.46
N GLY D 32 -17.02 32.82 -2.00
CA GLY D 32 -16.28 31.71 -1.49
C GLY D 32 -15.06 32.26 -0.79
N PRO D 33 -13.99 31.45 -0.71
CA PRO D 33 -12.58 31.88 -0.42
C PRO D 33 -11.85 32.30 -1.69
N GLY D 34 -10.95 33.29 -1.65
CA GLY D 34 -10.94 34.42 -0.73
C GLY D 34 -11.77 35.45 -1.48
N GLU D 35 -13.07 35.40 -1.23
CA GLU D 35 -14.04 36.33 -1.82
C GLU D 35 -14.31 36.02 -3.28
N GLU D 36 -13.95 34.82 -3.69
CA GLU D 36 -14.22 34.39 -5.04
C GLU D 36 -15.73 34.43 -5.35
N GLN D 37 -16.05 34.87 -6.55
CA GLN D 37 -17.42 35.14 -6.96
C GLN D 37 -17.99 34.06 -7.83
N VAL D 38 -19.18 33.60 -7.48
CA VAL D 38 -19.93 32.62 -8.29
C VAL D 38 -21.29 33.25 -8.53
N LEU D 39 -21.62 33.44 -9.79
CA LEU D 39 -22.85 34.08 -10.16
C LEU D 39 -24.06 33.20 -9.82
N ILE D 40 -24.97 33.77 -9.07
CA ILE D 40 -26.29 33.21 -8.82
C ILE D 40 -27.31 33.60 -9.93
N GLY D 41 -27.41 34.90 -10.21
CA GLY D 41 -28.37 35.37 -11.21
C GLY D 41 -28.23 36.86 -11.45
N ARG D 42 -28.99 37.35 -12.42
CA ARG D 42 -28.95 38.76 -12.88
C ARG D 42 -30.37 39.30 -13.07
N MET D 43 -30.53 40.60 -12.84
CA MET D 43 -31.79 41.27 -13.06
C MET D 43 -31.58 42.66 -13.70
N HIS D 44 -32.44 42.95 -14.66
CA HIS D 44 -32.47 44.22 -15.34
C HIS D 44 -33.84 44.41 -15.96
N HIS D 45 -34.44 45.58 -15.76
CA HIS D 45 -35.80 45.85 -16.27
C HIS D 45 -36.75 44.74 -15.86
N ASP D 46 -36.62 44.24 -14.62
CA ASP D 46 -37.50 43.18 -14.12
C ASP D 46 -37.56 41.92 -14.96
N VAL D 47 -36.48 41.65 -15.71
CA VAL D 47 -36.28 40.38 -16.32
C VAL D 47 -35.17 39.79 -15.45
N ILE D 48 -35.43 38.58 -14.96
CA ILE D 48 -34.54 37.86 -14.10
C ILE D 48 -34.10 36.53 -14.72
N PHE D 49 -32.80 36.19 -14.61
CA PHE D 49 -32.29 34.89 -15.04
C PHE D 49 -31.45 34.32 -13.94
N ILE D 50 -31.86 33.17 -13.38
CA ILE D 50 -31.07 32.41 -12.43
C ILE D 50 -30.24 31.33 -13.15
N GLU D 51 -28.93 31.31 -12.86
CA GLU D 51 -28.02 30.28 -13.35
C GLU D 51 -28.41 28.88 -12.87
N TRP D 52 -28.26 27.91 -13.74
CA TRP D 52 -28.80 26.62 -13.52
C TRP D 52 -28.36 25.97 -12.19
N PRO D 53 -27.07 26.07 -11.79
CA PRO D 53 -26.81 25.49 -10.47
C PRO D 53 -27.63 26.00 -9.25
N PHE D 54 -28.29 27.16 -9.32
CA PHE D 54 -28.99 27.79 -8.22
C PHE D 54 -30.50 27.82 -8.43
N ARG D 55 -30.94 27.28 -9.55
CA ARG D 55 -32.30 27.30 -9.93
C ARG D 55 -33.12 26.48 -8.95
N GLY D 56 -34.21 27.09 -8.42
CA GLY D 56 -35.02 26.52 -7.38
C GLY D 56 -34.45 26.73 -5.99
N PHE D 57 -33.18 27.12 -5.92
CA PHE D 57 -32.52 27.45 -4.65
C PHE D 57 -32.57 28.92 -4.32
N PHE D 58 -32.48 29.74 -5.35
CA PHE D 58 -32.46 31.18 -5.19
C PHE D 58 -33.36 31.87 -6.19
N ASP D 59 -33.97 32.98 -5.80
CA ASP D 59 -34.62 33.82 -6.79
C ASP D 59 -34.20 35.23 -6.53
N ILE D 60 -34.44 36.10 -7.49
CA ILE D 60 -34.14 37.53 -7.36
C ILE D 60 -35.37 38.32 -7.72
N HIS D 61 -35.62 39.44 -7.01
CA HIS D 61 -36.63 40.37 -7.48
C HIS D 61 -36.38 41.80 -7.00
N ARG D 62 -37.18 42.73 -7.51
CA ARG D 62 -37.17 44.14 -7.15
C ARG D 62 -38.46 44.55 -6.53
N SER D 63 -38.34 45.44 -5.54
CA SER D 63 -39.44 46.26 -5.09
C SER D 63 -38.93 47.68 -5.01
N ALA D 64 -39.33 48.48 -6.00
CA ALA D 64 -38.90 49.89 -6.14
C ALA D 64 -37.36 49.98 -6.35
N ASN D 65 -36.64 50.68 -5.45
CA ASN D 65 -35.16 50.76 -5.43
C ASN D 65 -34.41 49.71 -4.58
N THR D 66 -35.13 48.71 -4.05
CA THR D 66 -34.60 47.62 -3.24
C THR D 66 -34.52 46.32 -4.06
N PHE D 67 -33.36 45.66 -3.99
CA PHE D 67 -33.08 44.39 -4.71
C PHE D 67 -33.03 43.24 -3.70
N PHE D 68 -33.70 42.13 -3.99
CA PHE D 68 -33.86 41.00 -3.08
C PHE D 68 -33.20 39.76 -3.64
N LEU D 69 -32.41 39.08 -2.81
CA LEU D 69 -32.01 37.68 -3.03
C LEU D 69 -32.87 36.80 -2.10
N VAL D 70 -33.69 35.93 -2.69
CA VAL D 70 -34.42 34.98 -1.87
C VAL D 70 -33.91 33.55 -1.94
N VAL D 71 -33.73 32.96 -0.77
CA VAL D 71 -33.27 31.58 -0.64
C VAL D 71 -34.50 30.77 -0.28
N THR D 72 -34.84 29.84 -1.15
CA THR D 72 -36.12 29.21 -1.02
C THR D 72 -36.23 28.29 0.20
N ALA D 73 -35.13 27.60 0.54
CA ALA D 73 -34.96 26.70 1.75
C ALA D 73 -33.49 26.68 2.20
N ALA D 74 -33.15 27.41 3.27
CA ALA D 74 -31.74 27.62 3.59
C ALA D 74 -31.14 26.25 3.91
N ASN D 75 -29.94 26.00 3.40
CA ASN D 75 -29.15 24.84 3.78
C ASN D 75 -27.79 25.38 4.13
N ILE D 76 -26.94 24.53 4.70
CA ILE D 76 -25.69 24.93 5.29
C ILE D 76 -24.67 25.49 4.29
N SER D 77 -24.70 25.02 3.04
CA SER D 77 -23.85 25.57 1.96
C SER D 77 -24.18 27.06 1.72
N HIS D 78 -25.38 27.49 2.10
CA HIS D 78 -25.77 28.86 1.88
C HIS D 78 -25.28 29.84 2.88
N ASP D 79 -24.79 29.33 4.00
CA ASP D 79 -24.06 30.12 5.02
C ASP D 79 -22.88 30.90 4.47
N GLY D 80 -22.79 32.18 4.84
CA GLY D 80 -21.66 33.02 4.49
C GLY D 80 -22.11 34.24 3.68
N ASN D 81 -21.18 34.78 2.89
CA ASN D 81 -21.26 36.14 2.31
C ASN D 81 -21.74 36.13 0.87
N TYR D 82 -22.51 37.15 0.56
CA TYR D 82 -23.06 37.33 -0.77
C TYR D 82 -22.66 38.73 -1.26
N LEU D 83 -22.61 38.90 -2.58
CA LEU D 83 -22.26 40.18 -3.19
C LEU D 83 -23.32 40.57 -4.21
N CYS D 84 -23.86 41.77 -4.02
CA CYS D 84 -24.80 42.37 -4.98
C CYS D 84 -24.06 43.42 -5.78
N ARG D 85 -23.84 43.13 -7.07
CA ARG D 85 -23.26 44.14 -7.97
C ARG D 85 -24.34 44.93 -8.70
N MET D 86 -24.34 46.24 -8.55
CA MET D 86 -25.32 47.13 -9.17
C MET D 86 -24.65 48.09 -10.13
N LYS D 87 -25.13 48.02 -11.36
CA LYS D 87 -24.44 48.62 -12.51
C LYS D 87 -25.40 49.50 -13.31
N LEU D 88 -24.96 50.72 -13.54
CA LEU D 88 -25.66 51.62 -14.45
C LEU D 88 -24.63 52.31 -15.28
N GLY D 89 -24.68 52.00 -16.57
CA GLY D 89 -23.70 52.45 -17.53
C GLY D 89 -22.40 51.70 -17.32
N GLU D 90 -21.31 52.46 -17.43
CA GLU D 90 -19.97 51.98 -17.13
C GLU D 90 -19.65 52.25 -15.64
N THR D 91 -20.65 52.59 -14.82
CA THR D 91 -20.46 52.75 -13.37
C THR D 91 -21.08 51.63 -12.52
N GLU D 92 -20.51 51.40 -11.34
CA GLU D 92 -20.79 50.18 -10.61
C GLU D 92 -20.57 50.32 -9.10
N VAL D 93 -21.46 49.71 -8.33
CA VAL D 93 -21.45 49.78 -6.87
C VAL D 93 -21.79 48.33 -6.41
N THR D 94 -21.13 47.84 -5.39
CA THR D 94 -21.30 46.48 -4.92
C THR D 94 -21.62 46.58 -3.44
N LYS D 95 -22.44 45.66 -2.95
CA LYS D 95 -22.74 45.61 -1.54
C LYS D 95 -22.62 44.18 -1.11
N GLN D 96 -22.09 43.96 0.10
CA GLN D 96 -21.94 42.65 0.70
C GLN D 96 -23.01 42.42 1.77
N GLU D 97 -23.62 41.25 1.72
CA GLU D 97 -24.64 40.80 2.67
C GLU D 97 -24.21 39.43 3.17
N HIS D 98 -24.61 39.15 4.39
CA HIS D 98 -24.24 37.92 5.06
C HIS D 98 -25.50 37.16 5.42
N LEU D 99 -25.52 35.87 5.07
CA LEU D 99 -26.52 34.93 5.61
C LEU D 99 -25.92 33.90 6.63
N SER D 100 -26.37 33.96 7.87
CA SER D 100 -26.12 32.91 8.85
C SER D 100 -27.24 31.82 8.79
N VAL D 101 -26.85 30.60 8.40
CA VAL D 101 -27.71 29.40 8.47
C VAL D 101 -27.36 28.64 9.77
N VAL D 102 -28.44 28.25 10.49
CA VAL D 102 -28.38 27.68 11.80
C VAL D 102 -29.21 26.39 11.77
N LYS D 103 -28.53 25.28 12.07
CA LYS D 103 -29.23 24.04 12.30
C LYS D 103 -29.42 23.98 13.82
N PRO D 104 -30.69 23.98 14.27
CA PRO D 104 -30.91 23.84 15.73
C PRO D 104 -30.21 22.55 16.23
N LEU D 105 -29.68 22.56 17.45
CA LEU D 105 -28.93 21.42 17.96
C LEU D 105 -29.83 20.21 18.26
N THR D 106 -29.27 19.02 18.05
CA THR D 106 -29.85 17.81 18.60
C THR D 106 -28.88 17.25 19.66
N LEU D 107 -29.35 17.14 20.90
CA LEU D 107 -28.62 16.53 22.03
C LEU D 107 -29.13 15.12 22.19
N SER D 108 -28.26 14.13 22.05
CA SER D 108 -28.58 12.72 22.41
C SER D 108 -27.75 12.21 23.58
N VAL D 109 -28.42 11.51 24.50
CA VAL D 109 -27.74 10.73 25.57
C VAL D 109 -28.05 9.23 25.45
N HIS D 110 -26.99 8.42 25.61
CA HIS D 110 -27.07 6.96 25.63
C HIS D 110 -25.90 6.38 26.51
N SER D 111 -26.13 5.24 27.14
CA SER D 111 -25.11 4.67 27.98
C SER D 111 -24.86 3.25 27.56
N GLU D 112 -23.70 2.73 27.94
CA GLU D 112 -23.31 1.41 27.59
C GLU D 112 -22.34 0.91 28.65
N ARG D 113 -22.65 -0.20 29.31
CA ARG D 113 -21.70 -0.85 30.22
C ARG D 113 -20.53 -1.53 29.50
N SER D 114 -19.41 -1.65 30.18
CA SER D 114 -18.25 -2.32 29.61
C SER D 114 -18.51 -3.83 29.39
N GLN D 115 -17.76 -4.41 28.49
CA GLN D 115 -17.82 -5.83 28.17
C GLN D 115 -16.52 -6.61 28.50
N PHE D 116 -15.46 -5.85 28.77
CA PHE D 116 -14.18 -6.45 29.14
C PHE D 116 -13.39 -5.36 29.86
N PRO D 117 -12.64 -5.68 30.97
CA PRO D 117 -12.54 -6.97 31.66
C PRO D 117 -13.76 -7.43 32.40
N ASP D 118 -14.73 -6.57 32.64
CA ASP D 118 -15.96 -6.95 33.37
C ASP D 118 -17.02 -5.97 32.91
N PHE D 119 -18.18 -5.96 33.56
CA PHE D 119 -19.37 -5.21 33.15
C PHE D 119 -19.71 -4.09 34.10
N SER D 120 -18.72 -3.63 34.85
CA SER D 120 -18.92 -2.75 35.97
C SER D 120 -18.77 -1.27 35.60
N VAL D 121 -18.25 -0.98 34.41
CA VAL D 121 -18.03 0.43 34.01
C VAL D 121 -19.16 0.99 33.11
N LEU D 122 -19.82 2.05 33.56
CA LEU D 122 -20.86 2.72 32.74
C LEU D 122 -20.21 3.82 31.92
N THR D 123 -20.21 3.71 30.59
CA THR D 123 -19.76 4.81 29.72
C THR D 123 -20.99 5.57 29.18
N VAL D 124 -21.15 6.80 29.62
CA VAL D 124 -22.26 7.55 29.12
C VAL D 124 -21.77 8.48 27.96
N THR D 125 -22.48 8.39 26.82
CA THR D 125 -22.17 9.19 25.64
C THR D 125 -23.18 10.30 25.39
N CYS D 126 -22.63 11.48 25.17
CA CYS D 126 -23.43 12.64 24.89
C CYS D 126 -23.00 13.23 23.56
N THR D 127 -23.97 13.36 22.66
CA THR D 127 -23.76 13.78 21.25
C THR D 127 -24.57 15.07 20.97
N VAL D 128 -23.90 16.06 20.40
CA VAL D 128 -24.59 17.27 19.93
C VAL D 128 -24.37 17.37 18.44
N ASN D 129 -25.44 17.34 17.67
CA ASN D 129 -25.35 17.74 16.28
C ASN D 129 -25.92 19.16 16.09
N ALA D 130 -25.20 20.02 15.37
CA ALA D 130 -25.64 21.43 15.16
C ALA D 130 -24.83 22.13 14.09
N PHE D 131 -25.22 23.37 13.84
CA PHE D 131 -24.44 24.27 12.98
C PHE D 131 -24.77 25.67 13.44
N PRO D 132 -23.78 26.52 13.58
CA PRO D 132 -22.35 26.42 13.27
C PRO D 132 -21.45 25.78 14.31
N HIS D 133 -21.85 25.84 15.59
CA HIS D 133 -20.96 25.54 16.68
C HIS D 133 -21.44 24.52 17.75
N PRO D 134 -21.62 23.25 17.39
CA PRO D 134 -22.00 22.35 18.47
C PRO D 134 -20.87 22.22 19.50
N HIS D 135 -21.26 22.02 20.75
CA HIS D 135 -20.29 21.93 21.83
C HIS D 135 -20.92 21.01 22.86
N VAL D 136 -20.08 20.18 23.49
CA VAL D 136 -20.54 19.20 24.50
C VAL D 136 -19.65 19.24 25.74
N GLN D 137 -20.26 19.14 26.92
CA GLN D 137 -19.55 19.11 28.18
C GLN D 137 -20.31 18.32 29.23
N TRP D 138 -19.63 17.35 29.84
CA TRP D 138 -20.10 16.64 31.02
C TRP D 138 -19.87 17.38 32.35
N LEU D 139 -20.89 17.37 33.21
CA LEU D 139 -20.78 17.76 34.62
C LEU D 139 -20.99 16.50 35.54
N MET D 140 -20.10 16.30 36.51
CA MET D 140 -20.08 15.05 37.33
C MET D 140 -21.07 14.95 38.53
N PRO D 141 -21.41 16.09 39.20
CA PRO D 141 -22.01 15.87 40.55
C PRO D 141 -23.46 15.37 40.50
N VAL D 155 -15.60 17.97 15.51
CA VAL D 155 -15.29 16.56 15.26
C VAL D 155 -15.89 16.10 13.91
N MET D 156 -17.10 15.52 13.89
CA MET D 156 -17.58 14.86 12.66
C MET D 156 -18.49 15.68 11.71
N LYS D 157 -18.21 15.56 10.43
CA LYS D 157 -19.02 16.22 9.44
C LYS D 157 -20.09 15.37 8.81
N GLU D 158 -21.31 15.90 8.83
CA GLU D 158 -22.49 15.19 8.37
C GLU D 158 -22.74 15.46 6.89
N LYS D 159 -23.52 14.57 6.30
CA LYS D 159 -23.93 14.67 4.92
C LYS D 159 -24.59 16.04 4.55
N ASP D 160 -25.37 16.60 5.47
CA ASP D 160 -26.06 17.89 5.23
C ASP D 160 -25.15 19.09 5.55
N GLY D 161 -23.92 18.83 5.99
CA GLY D 161 -22.95 19.87 6.28
C GLY D 161 -22.94 20.27 7.74
N SER D 162 -23.86 19.72 8.53
CA SER D 162 -23.84 19.95 9.99
C SER D 162 -22.68 19.19 10.67
N LEU D 163 -22.41 19.54 11.92
CA LEU D 163 -21.26 19.01 12.67
C LEU D 163 -21.77 18.31 13.93
N SER D 164 -21.21 17.12 14.21
CA SER D 164 -21.57 16.33 15.37
C SER D 164 -20.38 16.23 16.31
N VAL D 165 -20.65 16.38 17.58
CA VAL D 165 -19.60 16.19 18.56
C VAL D 165 -20.15 15.26 19.66
N ALA D 166 -19.30 14.35 20.11
CA ALA D 166 -19.68 13.40 21.13
C ALA D 166 -18.56 13.25 22.20
N VAL D 167 -18.96 13.15 23.45
CA VAL D 167 -18.01 12.93 24.50
C VAL D 167 -18.52 11.76 25.39
N ASP D 168 -17.60 10.86 25.75
CA ASP D 168 -17.86 9.73 26.65
C ASP D 168 -17.45 10.02 28.07
N LEU D 169 -18.32 9.72 29.02
CA LEU D 169 -17.89 9.74 30.40
C LEU D 169 -17.90 8.28 30.90
N SER D 170 -16.73 7.76 31.26
CA SER D 170 -16.62 6.46 31.91
C SER D 170 -16.73 6.54 33.44
N LEU D 171 -17.65 5.75 33.98
CA LEU D 171 -17.97 5.77 35.38
C LEU D 171 -17.62 4.44 36.08
N PRO D 172 -16.55 4.41 36.91
CA PRO D 172 -16.36 3.21 37.71
C PRO D 172 -17.46 3.02 38.74
N LYS D 173 -17.75 1.78 39.09
CA LYS D 173 -18.59 1.47 40.24
C LYS D 173 -17.97 2.00 41.56
N PRO D 174 -18.77 2.69 42.41
CA PRO D 174 -20.22 2.95 42.31
C PRO D 174 -20.52 4.14 41.40
N TRP D 175 -21.49 3.97 40.51
CA TRP D 175 -21.80 4.95 39.47
C TRP D 175 -22.29 6.25 40.07
N HIS D 176 -21.56 7.32 39.73
CA HIS D 176 -21.82 8.73 40.09
C HIS D 176 -23.03 9.29 39.36
N LEU D 177 -24.19 8.66 39.56
CA LEU D 177 -25.49 9.09 38.98
C LEU D 177 -26.33 10.05 39.89
N PRO D 178 -26.96 11.11 39.31
CA PRO D 178 -27.09 11.50 37.90
C PRO D 178 -25.91 12.33 37.39
N VAL D 179 -25.64 12.17 36.09
CA VAL D 179 -24.69 12.99 35.35
C VAL D 179 -25.40 13.83 34.29
N THR D 180 -24.95 15.08 34.14
CA THR D 180 -25.63 16.00 33.25
C THR D 180 -24.68 16.46 32.18
N CYS D 181 -25.17 16.36 30.95
CA CYS D 181 -24.50 16.75 29.73
C CYS D 181 -24.97 18.16 29.29
N VAL D 182 -24.07 19.12 29.08
CA VAL D 182 -24.49 20.46 28.56
C VAL D 182 -24.18 20.63 27.07
N GLY D 183 -25.22 20.76 26.24
CA GLY D 183 -25.08 20.97 24.80
C GLY D 183 -25.30 22.44 24.46
N LYS D 184 -24.47 22.98 23.57
CA LYS D 184 -24.57 24.35 23.23
C LYS D 184 -24.46 24.51 21.71
N ASN D 185 -25.11 25.54 21.19
CA ASN D 185 -24.90 25.97 19.79
C ASN D 185 -24.95 27.48 19.85
N ASP D 186 -23.78 28.10 20.04
CA ASP D 186 -23.72 29.51 20.48
C ASP D 186 -24.60 29.67 21.72
N LYS D 187 -25.67 30.48 21.63
CA LYS D 187 -26.56 30.69 22.79
C LYS D 187 -27.61 29.62 23.02
N GLU D 188 -27.87 28.77 22.04
CA GLU D 188 -28.76 27.63 22.23
C GLU D 188 -28.15 26.63 23.21
N GLU D 189 -28.97 26.04 24.07
CA GLU D 189 -28.45 25.13 25.10
C GLU D 189 -29.48 24.09 25.42
N ALA D 190 -29.05 22.83 25.51
CA ALA D 190 -29.89 21.80 26.11
C ALA D 190 -29.04 21.00 27.10
N HIS D 191 -29.71 20.28 27.98
CA HIS D 191 -29.05 19.37 28.90
C HIS D 191 -29.53 17.96 28.63
N GLY D 192 -28.66 16.99 28.86
CA GLY D 192 -29.04 15.59 28.85
C GLY D 192 -28.60 15.04 30.19
N VAL D 193 -29.54 14.39 30.89
CA VAL D 193 -29.30 13.84 32.25
C VAL D 193 -29.54 12.32 32.23
N TYR D 194 -28.48 11.55 32.47
CA TYR D 194 -28.58 10.11 32.69
C TYR D 194 -28.79 9.90 34.20
N VAL D 195 -29.93 9.29 34.56
CA VAL D 195 -30.50 9.36 35.90
C VAL D 195 -30.32 7.98 36.54
N SER D 196 -30.53 6.92 35.77
CA SER D 196 -30.43 5.59 36.31
C SER D 196 -30.30 4.54 35.21
N GLY D 197 -29.57 3.47 35.56
CA GLY D 197 -29.25 2.35 34.65
C GLY D 197 -30.45 1.43 34.50
N TYR D 198 -30.43 0.61 33.45
CA TYR D 198 -31.44 -0.47 33.33
C TYR D 198 -31.43 -1.46 34.54
N LEU D 199 -30.23 -1.82 34.97
CA LEU D 199 -30.03 -2.69 36.13
C LEU D 199 -29.41 -1.91 37.30
#